data_7YVT
#
_entry.id   7YVT
#
_cell.length_a   53.204
_cell.length_b   76.437
_cell.length_c   199.865
_cell.angle_alpha   90.000
_cell.angle_beta   91.192
_cell.angle_gamma   90.000
#
_symmetry.space_group_name_H-M   'C 1 2 1'
#
loop_
_entity.id
_entity.type
_entity.pdbx_description
1 polymer 'S-formylglutathione hydrolase'
2 water water
#
_entity_poly.entity_id   1
_entity_poly.type   'polypeptide(L)'
_entity_poly.pdbx_seq_one_letter_code
;MTDSIKTLSAHRSFGGVQHFHEHASREIGLPMRFAAYLPPQAEHGKVPALLYLAGLTCNEETFMVKAGAQRLAAELGIAL
IAPDTSPRGAHIDGESTSWDFGVGAGFYLDATAAPWAPNWRMESYLVDELLPLLAKTLPIDGDRIGVFGHSMGGHGALTL
ALRHPGLFKSLSAFAPICAPTQCPWGHKAFTGYLGADTTRWIEHDATVLMQHQPVAPYPAGILIDQGLADKFLAEQLHPH
LLEDACRAIGQPLTLRRHEGYDHGYYFVQSFMADHLAHHAQILNGAIGRPAARQP
;
_entity_poly.pdbx_strand_id   A,B,C
#
# COMPACT_ATOMS: atom_id res chain seq x y z
N THR A 2 -32.38 18.44 24.51
CA THR A 2 -33.38 19.30 23.87
C THR A 2 -32.99 19.89 22.50
N ASP A 3 -31.72 20.28 22.32
CA ASP A 3 -31.28 20.99 21.12
C ASP A 3 -30.55 20.06 20.15
N SER A 4 -30.38 20.52 18.92
CA SER A 4 -29.50 19.99 17.88
C SER A 4 -28.16 20.69 17.93
N ILE A 5 -27.23 20.22 17.11
CA ILE A 5 -26.02 20.97 16.82
C ILE A 5 -25.35 20.32 15.61
N LYS A 6 -24.62 21.14 14.85
CA LYS A 6 -24.11 20.72 13.54
C LYS A 6 -23.06 19.60 13.66
N THR A 7 -23.11 18.66 12.71
CA THR A 7 -22.12 17.58 12.62
C THR A 7 -21.25 17.74 11.37
N LEU A 8 -19.93 17.86 11.58
CA LEU A 8 -19.00 18.01 10.47
C LEU A 8 -18.64 16.65 9.87
N SER A 9 -18.32 15.70 10.74
CA SER A 9 -18.10 14.32 10.30
C SER A 9 -18.39 13.43 11.49
N ALA A 10 -18.74 12.18 11.20
CA ALA A 10 -18.95 11.13 12.19
C ALA A 10 -18.29 9.85 11.72
N HIS A 11 -17.61 9.15 12.66
CA HIS A 11 -16.94 7.87 12.38
C HIS A 11 -17.18 6.89 13.52
N ARG A 12 -17.51 5.65 13.14
CA ARG A 12 -17.57 4.53 14.11
C ARG A 12 -16.18 4.25 14.68
N SER A 13 -16.12 4.00 16.00
CA SER A 13 -14.86 3.97 16.77
C SER A 13 -15.02 3.05 17.99
N PHE A 14 -14.38 1.88 18.00
CA PHE A 14 -14.51 0.90 19.07
C PHE A 14 -15.98 0.72 19.47
N GLY A 15 -16.83 0.51 18.47
CA GLY A 15 -18.24 0.35 18.70
C GLY A 15 -19.00 1.61 19.03
N GLY A 16 -18.33 2.66 19.51
CA GLY A 16 -18.95 3.94 19.75
C GLY A 16 -18.86 4.81 18.50
N VAL A 17 -19.17 6.09 18.67
CA VAL A 17 -19.21 7.06 17.58
C VAL A 17 -18.26 8.22 17.84
N GLN A 18 -17.36 8.52 16.92
CA GLN A 18 -16.61 9.76 17.08
C GLN A 18 -17.22 10.82 16.18
N HIS A 19 -17.50 11.95 16.84
CA HIS A 19 -18.14 13.11 16.23
C HIS A 19 -17.20 14.32 16.22
N PHE A 20 -17.37 15.16 15.21
CA PHE A 20 -16.83 16.52 15.20
C PHE A 20 -17.99 17.47 14.96
N HIS A 21 -18.06 18.52 15.77
CA HIS A 21 -19.19 19.44 15.76
C HIS A 21 -18.73 20.87 15.54
N GLU A 22 -19.65 21.68 14.99
CA GLU A 22 -19.52 23.13 14.93
C GLU A 22 -20.79 23.75 15.51
N HIS A 23 -20.63 24.91 16.15
CA HIS A 23 -21.80 25.67 16.57
C HIS A 23 -21.44 27.15 16.60
N ALA A 24 -22.47 27.98 16.64
CA ALA A 24 -22.32 29.42 16.70
C ALA A 24 -22.28 29.80 18.17
N SER A 25 -21.11 30.20 18.64
CA SER A 25 -20.93 30.42 20.07
C SER A 25 -21.34 31.83 20.47
N ARG A 26 -22.14 31.92 21.52
CA ARG A 26 -22.41 33.32 21.84
C ARG A 26 -21.47 33.86 22.91
N GLU A 27 -20.71 33.06 23.66
CA GLU A 27 -19.69 33.63 24.54
C GLU A 27 -18.51 34.15 23.75
N ILE A 28 -18.25 33.57 22.58
CA ILE A 28 -17.08 33.86 21.79
C ILE A 28 -17.49 34.73 20.61
N GLY A 29 -18.74 34.59 20.18
CA GLY A 29 -19.29 35.41 19.12
C GLY A 29 -18.90 34.97 17.73
N LEU A 30 -18.46 33.74 17.57
CA LEU A 30 -17.96 33.21 16.31
C LEU A 30 -18.28 31.72 16.28
N PRO A 31 -18.20 31.10 15.11
CA PRO A 31 -18.31 29.63 15.07
C PRO A 31 -17.21 28.98 15.89
N MET A 32 -17.56 27.94 16.64
CA MET A 32 -16.57 27.18 17.39
C MET A 32 -16.69 25.70 17.06
N ARG A 33 -15.55 25.03 17.04
CA ARG A 33 -15.49 23.60 16.78
C ARG A 33 -15.07 22.86 18.04
N PHE A 34 -15.68 21.71 18.25
CA PHE A 34 -15.35 20.79 19.36
C PHE A 34 -15.66 19.38 18.90
N ALA A 35 -14.95 18.41 19.45
CA ALA A 35 -15.14 16.99 19.08
C ALA A 35 -15.80 16.25 20.25
N ALA A 36 -16.41 15.12 19.96
CA ALA A 36 -17.10 14.38 21.02
C ALA A 36 -17.09 12.90 20.70
N TYR A 37 -16.51 12.10 21.58
CA TYR A 37 -16.55 10.64 21.41
C TYR A 37 -17.68 10.07 22.26
N LEU A 38 -18.58 9.32 21.65
CA LEU A 38 -19.68 8.66 22.40
C LEU A 38 -19.41 7.17 22.44
N PRO A 39 -19.33 6.56 23.63
CA PRO A 39 -19.05 5.14 23.71
C PRO A 39 -20.27 4.29 23.37
N PRO A 40 -20.16 2.97 23.16
CA PRO A 40 -21.33 2.18 22.84
C PRO A 40 -22.45 2.23 23.90
N GLN A 41 -22.14 2.40 25.18
CA GLN A 41 -23.08 2.51 26.34
C GLN A 41 -23.97 3.76 26.30
N ALA A 42 -23.68 4.74 25.44
CA ALA A 42 -24.45 5.99 25.31
C ALA A 42 -25.72 5.79 24.46
N GLU A 43 -25.91 4.62 23.85
CA GLU A 43 -27.17 4.40 23.09
C GLU A 43 -28.24 3.81 24.03
N HIS A 44 -27.83 3.36 25.21
CA HIS A 44 -28.77 2.81 26.22
C HIS A 44 -28.92 3.78 27.40
N GLY A 45 -28.02 4.75 27.53
CA GLY A 45 -28.15 5.66 28.68
C GLY A 45 -27.26 6.87 28.62
N LYS A 46 -27.26 7.66 29.69
CA LYS A 46 -26.44 8.88 29.76
C LYS A 46 -25.12 8.55 30.46
N VAL A 47 -24.03 8.75 29.76
CA VAL A 47 -22.72 8.34 30.33
C VAL A 47 -22.00 9.56 30.89
N PRO A 48 -21.01 9.34 31.77
CA PRO A 48 -20.16 10.38 32.26
C PRO A 48 -19.23 10.79 31.12
N ALA A 49 -18.83 12.05 31.11
CA ALA A 49 -17.94 12.55 30.07
C ALA A 49 -16.65 13.11 30.68
N LEU A 50 -15.59 13.04 29.90
CA LEU A 50 -14.28 13.59 30.29
C LEU A 50 -13.96 14.72 29.32
N LEU A 51 -13.76 15.91 29.83
CA LEU A 51 -13.36 17.06 29.00
C LEU A 51 -11.84 17.05 28.91
N TYR A 52 -11.30 17.11 27.71
CA TYR A 52 -9.83 17.18 27.52
C TYR A 52 -9.45 18.52 26.89
N LEU A 53 -8.57 19.27 27.55
CA LEU A 53 -8.12 20.60 27.08
C LEU A 53 -6.71 20.50 26.50
N ALA A 54 -6.58 20.73 25.20
CA ALA A 54 -5.29 20.63 24.49
C ALA A 54 -4.40 21.84 24.76
N GLY A 55 -3.12 21.72 24.43
CA GLY A 55 -2.14 22.80 24.68
C GLY A 55 -1.94 23.70 23.48
N LEU A 56 -0.89 24.50 23.54
CA LEU A 56 -0.50 25.46 22.48
C LEU A 56 -0.40 24.76 21.13
N THR A 57 -0.91 25.41 20.08
CA THR A 57 -0.91 25.01 18.64
C THR A 57 -1.92 23.90 18.34
N CYS A 58 -2.74 23.53 19.30
CA CYS A 58 -3.66 22.40 19.11
C CYS A 58 -5.06 22.90 18.88
N ASN A 59 -5.85 22.06 18.24
CA ASN A 59 -7.28 22.30 17.94
C ASN A 59 -8.11 21.23 18.63
N GLU A 60 -9.38 21.11 18.19
CA GLU A 60 -10.38 20.14 18.68
C GLU A 60 -10.21 18.76 18.04
N GLU A 61 -9.18 18.56 17.22
CA GLU A 61 -8.94 17.29 16.54
C GLU A 61 -7.68 16.59 17.09
N THR A 62 -6.77 17.32 17.72
CA THR A 62 -5.48 16.78 18.26
C THR A 62 -5.64 15.51 19.09
N PHE A 63 -6.30 15.62 20.25
CA PHE A 63 -6.55 14.54 21.21
C PHE A 63 -7.28 13.34 20.59
N MET A 64 -8.35 13.54 19.83
CA MET A 64 -9.12 12.43 19.21
C MET A 64 -8.27 11.63 18.22
N VAL A 65 -7.31 12.25 17.57
CA VAL A 65 -6.46 11.50 16.59
C VAL A 65 -5.26 10.86 17.28
N LYS A 66 -4.62 11.52 18.22
CA LYS A 66 -3.32 11.06 18.77
C LYS A 66 -3.33 10.42 20.15
N ALA A 67 -4.34 10.64 20.99
CA ALA A 67 -4.28 10.19 22.41
C ALA A 67 -4.56 8.70 22.59
N GLY A 68 -5.36 8.13 21.71
CA GLY A 68 -5.71 6.70 21.79
C GLY A 68 -6.63 6.43 22.97
N ALA A 69 -7.44 7.41 23.34
CA ALA A 69 -8.34 7.31 24.51
C ALA A 69 -9.70 6.66 24.18
N GLN A 70 -10.03 6.52 22.91
CA GLN A 70 -11.32 5.95 22.43
C GLN A 70 -11.49 4.50 22.89
N ARG A 71 -10.44 3.70 22.77
CA ARG A 71 -10.42 2.28 23.16
C ARG A 71 -10.82 2.11 24.62
N LEU A 72 -10.24 2.88 25.53
CA LEU A 72 -10.55 2.74 26.97
C LEU A 72 -11.87 3.42 27.31
N ALA A 73 -12.22 4.47 26.60
CA ALA A 73 -13.51 5.12 26.86
C ALA A 73 -14.64 4.15 26.52
N ALA A 74 -14.51 3.39 25.44
CA ALA A 74 -15.54 2.42 25.03
C ALA A 74 -15.60 1.30 26.06
N GLU A 75 -14.46 0.89 26.60
CA GLU A 75 -14.42 -0.20 27.61
C GLU A 75 -14.95 0.28 28.96
N LEU A 76 -14.85 1.58 29.23
CA LEU A 76 -15.26 2.13 30.55
C LEU A 76 -16.61 2.83 30.46
N GLY A 77 -17.14 3.05 29.25
CA GLY A 77 -18.43 3.72 29.04
C GLY A 77 -18.39 5.19 29.37
N ILE A 78 -17.35 5.89 28.95
CA ILE A 78 -17.23 7.35 29.23
C ILE A 78 -17.15 8.10 27.89
N ALA A 79 -17.81 9.25 27.84
CA ALA A 79 -17.76 10.11 26.65
C ALA A 79 -16.52 11.01 26.75
N LEU A 80 -15.98 11.40 25.60
CA LEU A 80 -14.80 12.28 25.58
C LEU A 80 -15.19 13.58 24.88
N ILE A 81 -14.87 14.70 25.50
CA ILE A 81 -15.15 16.01 24.87
C ILE A 81 -13.85 16.78 24.74
N ALA A 82 -13.54 17.15 23.51
CA ALA A 82 -12.33 17.94 23.19
C ALA A 82 -12.75 19.20 22.49
N PRO A 83 -12.62 20.35 23.14
CA PRO A 83 -12.95 21.60 22.53
C PRO A 83 -11.72 22.13 21.79
N ASP A 84 -11.85 23.32 21.22
CA ASP A 84 -10.71 24.04 20.60
C ASP A 84 -9.93 24.77 21.70
N THR A 85 -8.75 25.25 21.40
CA THR A 85 -7.89 25.91 22.41
C THR A 85 -8.01 27.43 22.30
N SER A 86 -8.79 27.91 21.34
CA SER A 86 -8.93 29.36 21.11
C SER A 86 -10.06 29.61 20.14
N PRO A 87 -10.47 30.88 20.02
CA PRO A 87 -11.37 31.26 18.96
C PRO A 87 -10.62 31.23 17.63
N ARG A 88 -11.34 30.92 16.56
CA ARG A 88 -10.79 30.93 15.20
C ARG A 88 -11.60 31.94 14.37
N GLY A 89 -11.03 32.47 13.30
CA GLY A 89 -11.74 33.42 12.42
C GLY A 89 -12.04 34.76 13.07
N ALA A 90 -11.23 35.22 14.00
CA ALA A 90 -11.45 36.53 14.62
C ALA A 90 -10.68 37.59 13.83
N HIS A 91 -9.65 37.17 13.11
CA HIS A 91 -8.82 38.08 12.30
C HIS A 91 -8.35 39.27 13.13
N ILE A 92 -7.68 38.99 14.23
CA ILE A 92 -7.15 40.08 15.07
C ILE A 92 -5.68 40.24 14.65
N ASP A 93 -5.20 41.46 14.56
CA ASP A 93 -3.78 41.68 14.20
C ASP A 93 -2.89 41.11 15.29
N GLY A 94 -1.89 40.33 14.91
CA GLY A 94 -0.92 39.75 15.84
C GLY A 94 -1.40 38.49 16.52
N GLU A 95 -2.53 37.94 16.11
CA GLU A 95 -3.12 36.73 16.74
C GLU A 95 -2.32 35.47 16.37
N SER A 96 -1.48 35.56 15.35
CA SER A 96 -0.72 34.40 14.84
C SER A 96 0.74 34.77 14.60
N THR A 97 1.21 35.85 15.19
CA THR A 97 2.63 36.20 14.97
C THR A 97 3.52 35.24 15.77
N SER A 98 3.11 34.85 16.96
CA SER A 98 3.80 33.89 17.84
C SER A 98 2.90 32.67 18.08
N TRP A 99 3.43 31.46 18.23
CA TRP A 99 2.60 30.27 18.52
C TRP A 99 2.32 30.14 20.02
N ASP A 100 2.91 30.98 20.85
CA ASP A 100 2.69 30.94 22.32
C ASP A 100 1.59 31.92 22.72
N PHE A 101 1.04 32.65 21.76
CA PHE A 101 0.00 33.67 22.06
C PHE A 101 -1.04 33.76 20.94
N GLY A 102 -2.27 34.05 21.34
CA GLY A 102 -3.40 34.25 20.42
C GLY A 102 -4.06 32.97 19.99
N VAL A 103 -4.11 32.76 18.69
CA VAL A 103 -4.72 31.59 18.01
C VAL A 103 -4.03 30.33 18.53
N GLY A 104 -4.82 29.36 19.00
CA GLY A 104 -4.31 28.11 19.59
C GLY A 104 -3.68 28.31 20.96
N ALA A 105 -4.01 29.40 21.64
CA ALA A 105 -3.36 29.73 22.91
C ALA A 105 -4.29 30.55 23.77
N GLY A 106 -5.53 30.13 23.95
CA GLY A 106 -6.47 30.94 24.72
C GLY A 106 -6.19 31.00 26.20
N PHE A 107 -5.48 30.01 26.74
CA PHE A 107 -5.09 29.92 28.18
C PHE A 107 -6.28 29.69 29.13
N TYR A 108 -7.40 29.18 28.62
CA TYR A 108 -8.62 28.80 29.36
C TYR A 108 -9.01 29.86 30.39
N LEU A 109 -9.12 31.10 29.90
CA LEU A 109 -9.46 32.24 30.73
C LEU A 109 -10.25 33.22 29.87
N ASP A 110 -10.78 34.25 30.52
CA ASP A 110 -11.45 35.36 29.86
C ASP A 110 -10.52 36.57 29.81
N ALA A 111 -10.12 36.96 28.60
CA ALA A 111 -9.31 38.18 28.45
C ALA A 111 -10.12 39.44 28.78
N THR A 112 -9.48 40.36 29.51
CA THR A 112 -10.07 41.66 29.76
C THR A 112 -9.55 42.75 28.85
N ALA A 113 -8.42 42.54 28.19
CA ALA A 113 -7.76 43.59 27.44
C ALA A 113 -8.08 43.46 25.96
N ALA A 114 -7.99 44.60 25.24
CA ALA A 114 -8.23 44.62 23.80
C ALA A 114 -6.92 44.39 23.05
N PRO A 115 -6.98 43.89 21.81
CA PRO A 115 -8.15 43.53 20.99
C PRO A 115 -8.74 42.15 21.30
N TRP A 116 -8.30 41.50 22.40
CA TRP A 116 -8.62 40.10 22.65
C TRP A 116 -9.92 39.90 23.41
N ALA A 117 -10.34 40.87 24.22
CA ALA A 117 -11.48 40.66 25.11
C ALA A 117 -12.80 40.26 24.41
N PRO A 118 -13.15 40.76 23.21
CA PRO A 118 -14.43 40.32 22.64
C PRO A 118 -14.54 38.82 22.42
N ASN A 119 -13.50 38.22 21.84
CA ASN A 119 -13.60 36.79 21.44
C ASN A 119 -12.79 35.82 22.33
N TRP A 120 -11.75 36.28 23.02
CA TRP A 120 -10.92 35.36 23.86
C TRP A 120 -11.58 35.13 25.22
N ARG A 121 -12.68 34.40 25.24
CA ARG A 121 -13.44 34.12 26.48
C ARG A 121 -13.59 32.60 26.64
N MET A 122 -12.48 31.88 26.67
CA MET A 122 -12.52 30.42 26.69
C MET A 122 -13.06 29.88 28.01
N GLU A 123 -12.83 30.58 29.11
CA GLU A 123 -13.31 30.08 30.39
C GLU A 123 -14.83 30.11 30.45
N SER A 124 -15.43 31.24 30.07
CA SER A 124 -16.87 31.40 30.06
C SER A 124 -17.51 30.50 29.00
N TYR A 125 -16.79 30.34 27.88
CA TYR A 125 -17.29 29.49 26.80
C TYR A 125 -17.45 28.06 27.28
N LEU A 126 -16.45 27.51 27.95
CA LEU A 126 -16.55 26.14 28.43
C LEU A 126 -17.59 26.01 29.54
N VAL A 127 -17.53 26.89 30.54
CA VAL A 127 -18.30 26.70 31.76
C VAL A 127 -19.76 27.08 31.56
N ASP A 128 -20.02 28.24 30.93
CA ASP A 128 -21.39 28.72 30.82
C ASP A 128 -22.06 28.44 29.49
N GLU A 129 -21.35 27.80 28.54
CA GLU A 129 -21.96 27.57 27.23
C GLU A 129 -21.77 26.11 26.76
N LEU A 130 -20.51 25.66 26.64
CA LEU A 130 -20.28 24.35 26.04
C LEU A 130 -20.74 23.25 26.98
N LEU A 131 -20.34 23.32 28.25
CA LEU A 131 -20.77 22.27 29.18
C LEU A 131 -22.28 22.20 29.34
N PRO A 132 -23.03 23.29 29.61
CA PRO A 132 -24.51 23.17 29.60
C PRO A 132 -25.04 22.64 28.28
N LEU A 133 -24.49 23.13 27.17
CA LEU A 133 -24.98 22.67 25.88
C LEU A 133 -24.68 21.20 25.65
N LEU A 134 -23.68 20.63 26.33
CA LEU A 134 -23.40 19.21 26.18
C LEU A 134 -24.53 18.35 26.77
N ALA A 135 -25.09 18.77 27.91
CA ALA A 135 -26.22 18.06 28.49
C ALA A 135 -27.48 18.17 27.64
N LYS A 136 -27.64 19.28 26.90
CA LYS A 136 -28.86 19.51 26.13
C LYS A 136 -28.88 18.77 24.82
N THR A 137 -27.70 18.41 24.28
CA THR A 137 -27.63 17.88 22.93
C THR A 137 -27.02 16.48 22.84
N LEU A 138 -26.34 16.00 23.88
CA LEU A 138 -25.62 14.75 23.84
C LEU A 138 -26.07 13.86 25.00
N PRO A 139 -25.96 12.51 24.86
CA PRO A 139 -26.29 11.62 25.97
C PRO A 139 -25.25 11.61 27.08
N ILE A 140 -25.10 12.77 27.74
CA ILE A 140 -24.20 12.95 28.85
C ILE A 140 -24.99 13.14 30.12
N ASP A 141 -24.44 12.64 31.22
CA ASP A 141 -24.80 13.10 32.56
C ASP A 141 -23.94 14.33 32.85
N GLY A 142 -24.57 15.51 32.83
CA GLY A 142 -23.83 16.74 33.10
C GLY A 142 -23.24 16.84 34.50
N ASP A 143 -23.73 16.03 35.44
CA ASP A 143 -23.25 16.06 36.81
C ASP A 143 -22.18 15.02 37.09
N ARG A 144 -21.74 14.28 36.06
CA ARG A 144 -20.60 13.38 36.17
C ARG A 144 -19.59 13.73 35.08
N ILE A 145 -19.03 14.93 35.14
CA ILE A 145 -17.96 15.27 34.20
C ILE A 145 -16.69 15.53 34.99
N GLY A 146 -15.61 14.91 34.50
CA GLY A 146 -14.27 15.20 34.94
C GLY A 146 -13.53 16.01 33.89
N VAL A 147 -12.29 16.38 34.23
CA VAL A 147 -11.51 17.22 33.31
C VAL A 147 -10.04 16.86 33.41
N PHE A 148 -9.36 16.93 32.29
CA PHE A 148 -7.89 16.70 32.19
C PHE A 148 -7.38 17.44 30.96
N GLY A 149 -6.06 17.51 30.81
CA GLY A 149 -5.49 18.24 29.67
C GLY A 149 -3.99 18.19 29.67
N HIS A 150 -3.40 18.80 28.67
CA HIS A 150 -1.95 18.76 28.46
C HIS A 150 -1.37 20.17 28.35
N SER A 151 -0.32 20.47 29.12
CA SER A 151 0.43 21.76 29.18
C SER A 151 -0.45 23.01 29.36
N MET A 152 -0.76 23.75 28.30
CA MET A 152 -1.66 24.90 28.42
C MET A 152 -3.01 24.36 28.90
N GLY A 153 -3.38 23.17 28.44
CA GLY A 153 -4.63 22.53 28.88
C GLY A 153 -4.58 21.88 30.25
N GLY A 154 -3.40 21.53 30.75
CA GLY A 154 -3.32 21.10 32.14
C GLY A 154 -3.47 22.28 33.09
N HIS A 155 -2.89 23.42 32.70
CA HIS A 155 -3.16 24.66 33.40
C HIS A 155 -4.64 24.98 33.40
N GLY A 156 -5.33 24.66 32.30
CA GLY A 156 -6.76 24.87 32.15
C GLY A 156 -7.61 23.90 32.95
N ALA A 157 -7.27 22.60 32.94
CA ALA A 157 -7.98 21.65 33.79
C ALA A 157 -7.83 22.02 35.26
N LEU A 158 -6.61 22.40 35.68
CA LEU A 158 -6.39 22.74 37.08
C LEU A 158 -7.15 23.99 37.49
N THR A 159 -6.96 25.07 36.74
CA THR A 159 -7.56 26.34 37.14
C THR A 159 -9.07 26.31 36.99
N LEU A 160 -9.60 25.66 35.94
CA LEU A 160 -11.05 25.58 35.85
C LEU A 160 -11.64 24.72 36.95
N ALA A 161 -10.98 23.60 37.29
CA ALA A 161 -11.52 22.76 38.37
C ALA A 161 -11.59 23.52 39.67
N LEU A 162 -10.55 24.31 39.98
CA LEU A 162 -10.40 25.03 41.24
C LEU A 162 -11.30 26.25 41.32
N ARG A 163 -11.59 26.88 40.19
CA ARG A 163 -12.37 28.11 40.21
C ARG A 163 -13.87 27.86 40.15
N HIS A 164 -14.30 26.67 39.73
CA HIS A 164 -15.72 26.32 39.65
C HIS A 164 -15.97 25.07 40.46
N PRO A 165 -15.91 25.18 41.80
CA PRO A 165 -16.02 23.98 42.65
C PRO A 165 -17.33 23.25 42.39
N GLY A 166 -17.25 21.92 42.38
CA GLY A 166 -18.38 21.08 42.11
C GLY A 166 -18.63 20.83 40.64
N LEU A 167 -17.99 21.59 39.75
CA LEU A 167 -18.28 21.41 38.33
C LEU A 167 -17.59 20.16 37.78
N PHE A 168 -16.36 19.86 38.20
CA PHE A 168 -15.64 18.67 37.71
C PHE A 168 -15.39 17.71 38.86
N LYS A 169 -15.85 16.47 38.70
CA LYS A 169 -15.72 15.50 39.78
C LYS A 169 -14.33 14.90 39.86
N SER A 170 -13.58 14.88 38.75
CA SER A 170 -12.25 14.32 38.76
C SER A 170 -11.32 15.24 37.98
N LEU A 171 -10.04 14.93 38.03
CA LEU A 171 -9.01 15.91 37.65
C LEU A 171 -7.68 15.19 37.44
N SER A 172 -7.08 15.39 36.27
CA SER A 172 -5.80 14.85 35.82
C SER A 172 -5.10 15.91 34.99
N ALA A 173 -3.78 15.73 34.80
CA ALA A 173 -3.06 16.54 33.84
C ALA A 173 -1.80 15.81 33.38
N PHE A 174 -1.42 16.06 32.12
CA PHE A 174 -0.14 15.69 31.52
C PHE A 174 0.71 16.93 31.40
N ALA A 175 1.84 17.00 32.11
CA ALA A 175 2.80 18.08 31.97
C ALA A 175 2.13 19.47 32.03
N PRO A 176 1.31 19.74 33.04
CA PRO A 176 0.64 21.04 33.13
C PRO A 176 1.62 22.18 33.42
N ILE A 177 1.27 23.37 32.91
CA ILE A 177 1.81 24.62 33.41
C ILE A 177 1.16 24.86 34.77
N CYS A 178 1.90 24.67 35.86
CA CYS A 178 1.25 24.73 37.16
C CYS A 178 1.30 26.10 37.80
N ALA A 179 2.21 26.99 37.39
CA ALA A 179 2.44 28.27 38.05
C ALA A 179 2.60 29.34 36.99
N PRO A 180 1.55 29.62 36.21
CA PRO A 180 1.70 30.49 35.04
C PRO A 180 2.24 31.87 35.36
N THR A 181 2.04 32.37 36.58
CA THR A 181 2.65 33.61 37.01
C THR A 181 4.17 33.55 37.08
N GLN A 182 4.77 32.34 37.04
CA GLN A 182 6.20 32.15 37.24
C GLN A 182 6.89 31.54 36.02
N CYS A 183 6.38 31.79 34.83
CA CYS A 183 6.97 31.22 33.62
C CYS A 183 6.76 32.16 32.44
N PRO A 184 7.61 32.11 31.43
CA PRO A 184 7.47 33.05 30.31
C PRO A 184 6.14 32.91 29.56
N TRP A 185 5.72 31.67 29.26
CA TRP A 185 4.43 31.45 28.63
C TRP A 185 3.31 32.15 29.38
N GLY A 186 3.33 32.08 30.71
CA GLY A 186 2.26 32.68 31.49
C GLY A 186 2.38 34.19 31.58
N HIS A 187 3.59 34.69 31.82
CA HIS A 187 3.80 36.14 31.85
C HIS A 187 3.34 36.78 30.53
N LYS A 188 3.70 36.19 29.39
CA LYS A 188 3.31 36.81 28.13
C LYS A 188 1.81 36.74 27.91
N ALA A 189 1.19 35.60 28.21
CA ALA A 189 -0.23 35.45 27.92
C ALA A 189 -1.07 36.30 28.87
N PHE A 190 -0.70 36.31 30.16
CA PHE A 190 -1.41 37.13 31.14
C PHE A 190 -1.27 38.62 30.82
N THR A 191 -0.05 39.05 30.50
CA THR A 191 0.13 40.45 30.12
C THR A 191 -0.76 40.79 28.95
N GLY A 192 -0.70 39.99 27.89
CA GLY A 192 -1.55 40.19 26.74
C GLY A 192 -3.04 40.20 27.06
N TYR A 193 -3.52 39.16 27.76
CA TYR A 193 -4.97 39.00 27.89
C TYR A 193 -5.54 39.83 29.03
N LEU A 194 -4.79 39.97 30.12
CA LEU A 194 -5.31 40.64 31.33
C LEU A 194 -4.57 41.93 31.66
N GLY A 195 -3.45 42.19 31.03
CA GLY A 195 -2.68 43.41 31.36
C GLY A 195 -1.83 43.19 32.59
N ALA A 196 -1.43 44.27 33.25
CA ALA A 196 -0.62 44.10 34.46
C ALA A 196 -1.43 44.57 35.66
N ASP A 197 -1.90 43.64 36.48
CA ASP A 197 -2.64 44.03 37.70
C ASP A 197 -2.19 43.05 38.78
N THR A 198 -2.03 41.80 38.36
CA THR A 198 -1.56 40.64 39.16
C THR A 198 -2.68 40.01 39.98
N THR A 199 -3.72 40.73 40.37
CA THR A 199 -4.84 40.11 41.10
C THR A 199 -5.58 39.24 40.10
N ARG A 200 -5.76 39.72 38.87
CA ARG A 200 -6.45 38.87 37.87
C ARG A 200 -5.50 37.73 37.53
N TRP A 201 -4.20 38.00 37.51
CA TRP A 201 -3.17 36.97 37.26
C TRP A 201 -3.25 35.87 38.33
N ILE A 202 -3.34 36.22 39.60
CA ILE A 202 -3.24 35.17 40.60
C ILE A 202 -4.49 34.32 40.64
N GLU A 203 -5.66 34.90 40.36
CA GLU A 203 -6.84 34.04 40.31
C GLU A 203 -6.83 33.11 39.10
N HIS A 204 -5.80 33.17 38.23
CA HIS A 204 -5.69 32.24 37.11
C HIS A 204 -4.49 31.31 37.22
N ASP A 205 -3.91 31.17 38.43
CA ASP A 205 -2.70 30.37 38.65
C ASP A 205 -3.05 29.18 39.54
N ALA A 206 -2.91 27.97 39.00
CA ALA A 206 -3.26 26.77 39.76
C ALA A 206 -2.53 26.69 41.09
N THR A 207 -1.26 27.11 41.12
CA THR A 207 -0.51 26.98 42.37
C THR A 207 -0.99 27.96 43.42
N VAL A 208 -1.22 29.22 43.03
CA VAL A 208 -1.73 30.22 43.95
C VAL A 208 -3.10 29.81 44.51
N LEU A 209 -4.01 29.37 43.62
CA LEU A 209 -5.35 29.00 44.04
C LEU A 209 -5.33 27.79 44.96
N MET A 210 -4.52 26.80 44.64
CA MET A 210 -4.43 25.61 45.47
C MET A 210 -3.92 25.93 46.88
N GLN A 211 -3.01 26.92 47.03
CA GLN A 211 -2.48 27.34 48.32
C GLN A 211 -3.54 27.88 49.27
N HIS A 212 -4.68 28.36 48.75
CA HIS A 212 -5.67 29.05 49.56
C HIS A 212 -7.01 28.33 49.62
N GLN A 213 -7.06 27.08 49.18
CA GLN A 213 -8.24 26.25 49.40
C GLN A 213 -8.49 26.07 50.90
N PRO A 214 -9.74 26.06 51.34
CA PRO A 214 -10.00 25.82 52.76
C PRO A 214 -9.88 24.35 53.13
N VAL A 215 -10.03 23.46 52.16
CA VAL A 215 -9.96 22.03 52.34
C VAL A 215 -9.47 21.45 51.02
N ALA A 216 -8.97 20.21 51.05
CA ALA A 216 -8.57 19.51 49.83
C ALA A 216 -9.75 19.49 48.87
N PRO A 217 -9.63 20.08 47.68
CA PRO A 217 -10.79 20.11 46.77
C PRO A 217 -11.05 18.78 46.09
N TYR A 218 -10.06 17.90 46.02
CA TYR A 218 -10.23 16.61 45.36
C TYR A 218 -9.73 15.49 46.26
N PRO A 219 -10.49 15.20 47.33
CA PRO A 219 -10.06 14.17 48.30
C PRO A 219 -9.72 12.83 47.66
N ALA A 220 -10.34 12.48 46.53
CA ALA A 220 -9.97 11.26 45.81
C ALA A 220 -8.57 11.33 45.20
N GLY A 221 -8.01 12.53 45.04
CA GLY A 221 -6.62 12.68 44.63
C GLY A 221 -6.51 13.19 43.19
N ILE A 222 -5.39 13.88 42.91
CA ILE A 222 -5.10 14.43 41.60
C ILE A 222 -3.89 13.68 41.02
N LEU A 223 -4.00 13.27 39.76
CA LEU A 223 -2.94 12.50 39.10
C LEU A 223 -2.25 13.35 38.03
N ILE A 224 -0.93 13.46 38.10
CA ILE A 224 -0.21 14.27 37.13
C ILE A 224 1.03 13.52 36.66
N ASP A 225 1.15 13.31 35.36
CA ASP A 225 2.30 12.69 34.72
C ASP A 225 3.19 13.71 34.00
N GLN A 226 4.51 13.55 34.18
CA GLN A 226 5.50 14.49 33.68
C GLN A 226 6.69 13.72 33.14
N GLY A 227 7.06 13.97 31.89
CA GLY A 227 8.26 13.38 31.32
C GLY A 227 9.50 14.15 31.74
N LEU A 228 10.59 13.42 31.94
CA LEU A 228 11.84 14.04 32.36
C LEU A 228 12.68 14.54 31.19
N ALA A 229 12.48 14.01 29.98
CA ALA A 229 13.11 14.55 28.78
C ALA A 229 12.27 15.68 28.15
N ASP A 230 11.44 16.35 28.95
CA ASP A 230 10.51 17.37 28.44
C ASP A 230 11.24 18.70 28.32
N LYS A 231 11.27 19.23 27.09
CA LYS A 231 11.99 20.45 26.77
C LYS A 231 11.56 21.65 27.63
N PHE A 232 10.29 21.69 28.04
CA PHE A 232 9.74 22.88 28.66
C PHE A 232 9.60 22.76 30.17
N LEU A 233 10.02 21.63 30.75
CA LEU A 233 9.76 21.43 32.16
C LEU A 233 10.47 22.49 33.02
N ALA A 234 11.78 22.72 32.84
CA ALA A 234 12.50 23.67 33.66
C ALA A 234 11.97 25.11 33.48
N GLU A 235 11.69 25.50 32.24
CA GLU A 235 11.27 26.88 31.98
C GLU A 235 9.79 27.11 32.27
N GLN A 236 8.92 26.14 31.99
CA GLN A 236 7.51 26.48 31.83
C GLN A 236 6.57 25.78 32.80
N LEU A 237 6.86 24.56 33.26
CA LEU A 237 5.80 23.78 33.92
C LEU A 237 5.83 23.90 35.44
N HIS A 238 7.01 23.81 36.04
CA HIS A 238 7.21 23.98 37.48
C HIS A 238 6.24 23.19 38.36
N PRO A 239 6.17 21.86 38.20
CA PRO A 239 5.25 21.08 39.03
C PRO A 239 5.67 20.98 40.49
N HIS A 240 6.94 21.25 40.82
CA HIS A 240 7.35 21.28 42.22
C HIS A 240 6.50 22.26 43.02
N LEU A 241 6.11 23.40 42.42
CA LEU A 241 5.37 24.42 43.16
C LEU A 241 3.93 23.98 43.45
N LEU A 242 3.30 23.22 42.55
CA LEU A 242 1.96 22.70 42.87
C LEU A 242 2.04 21.58 43.90
N GLU A 243 3.10 20.77 43.85
CA GLU A 243 3.38 19.80 44.91
C GLU A 243 3.47 20.46 46.28
N ASP A 244 4.19 21.59 46.38
CA ASP A 244 4.25 22.28 47.68
C ASP A 244 2.90 22.87 48.07
N ALA A 245 2.14 23.41 47.11
CA ALA A 245 0.82 23.96 47.41
C ALA A 245 -0.15 22.89 47.90
N CYS A 246 -0.15 21.71 47.26
CA CYS A 246 -1.11 20.71 47.75
C CYS A 246 -0.65 20.08 49.06
N ARG A 247 0.66 19.93 49.31
CA ARG A 247 1.16 19.52 50.63
C ARG A 247 0.66 20.48 51.71
N ALA A 248 0.79 21.78 51.48
CA ALA A 248 0.42 22.76 52.50
C ALA A 248 -1.01 22.58 53.01
N ILE A 249 -1.95 22.19 52.13
CA ILE A 249 -3.37 22.13 52.46
C ILE A 249 -3.86 20.70 52.60
N GLY A 250 -2.98 19.71 52.47
CA GLY A 250 -3.43 18.34 52.57
C GLY A 250 -4.11 17.77 51.34
N GLN A 251 -3.81 18.30 50.15
CA GLN A 251 -4.37 17.74 48.90
C GLN A 251 -3.56 16.53 48.41
N PRO A 252 -4.14 15.32 48.39
CA PRO A 252 -3.43 14.17 47.81
C PRO A 252 -3.13 14.36 46.33
N LEU A 253 -1.86 14.17 45.96
CA LEU A 253 -1.42 14.31 44.59
C LEU A 253 -0.45 13.19 44.21
N THR A 254 -0.69 12.52 43.09
CA THR A 254 0.32 11.64 42.54
C THR A 254 0.89 12.34 41.31
N LEU A 255 2.00 13.02 41.54
CA LEU A 255 2.82 13.59 40.49
C LEU A 255 3.90 12.57 40.20
N ARG A 256 3.87 12.01 39.01
CA ARG A 256 4.82 10.97 38.62
C ARG A 256 5.76 11.54 37.58
N ARG A 257 7.04 11.32 37.78
CA ARG A 257 8.08 11.76 36.85
C ARG A 257 8.55 10.54 36.07
N HIS A 258 8.73 10.69 34.76
CA HIS A 258 9.03 9.54 33.92
C HIS A 258 10.29 9.86 33.12
N GLU A 259 11.36 9.12 33.38
CA GLU A 259 12.59 9.22 32.60
C GLU A 259 12.31 8.98 31.12
N GLY A 260 13.04 9.71 30.26
CA GLY A 260 13.04 9.48 28.83
C GLY A 260 11.89 10.10 28.05
N TYR A 261 10.75 10.35 28.66
CA TYR A 261 9.58 10.87 27.95
C TYR A 261 9.63 12.39 27.80
N ASP A 262 9.06 12.85 26.72
CA ASP A 262 9.14 14.24 26.31
C ASP A 262 7.76 14.87 26.45
N HIS A 263 7.60 16.03 25.83
CA HIS A 263 6.37 16.80 25.97
C HIS A 263 5.21 16.26 25.14
N GLY A 264 5.48 15.53 24.05
CA GLY A 264 4.50 15.32 23.02
C GLY A 264 3.59 14.11 23.23
N TYR A 265 2.87 13.75 22.17
CA TYR A 265 1.77 12.78 22.28
C TYR A 265 2.22 11.32 22.34
N TYR A 266 3.50 11.02 22.08
CA TYR A 266 3.93 9.66 22.37
C TYR A 266 3.96 9.47 23.89
N PHE A 267 4.24 10.55 24.63
CA PHE A 267 4.14 10.54 26.08
C PHE A 267 2.69 10.46 26.53
N VAL A 268 1.83 11.31 25.94
CA VAL A 268 0.43 11.36 26.37
C VAL A 268 -0.26 10.01 26.18
N GLN A 269 -0.06 9.43 24.99
CA GLN A 269 -0.56 8.07 24.72
C GLN A 269 -0.10 7.09 25.79
N SER A 270 1.17 7.16 26.19
CA SER A 270 1.76 6.11 27.02
C SER A 270 1.09 6.02 28.38
N PHE A 271 0.53 7.12 28.88
CA PHE A 271 -0.14 7.13 30.16
C PHE A 271 -1.62 7.40 30.03
N MET A 272 -2.18 7.38 28.82
CA MET A 272 -3.61 7.66 28.66
C MET A 272 -4.46 6.65 29.46
N ALA A 273 -4.15 5.34 29.35
CA ALA A 273 -4.81 4.30 30.15
C ALA A 273 -4.86 4.62 31.64
N ASP A 274 -3.76 5.15 32.19
CA ASP A 274 -3.74 5.44 33.62
C ASP A 274 -4.73 6.54 33.97
N HIS A 275 -4.86 7.54 33.11
CA HIS A 275 -5.80 8.62 33.38
C HIS A 275 -7.24 8.18 33.20
N LEU A 276 -7.53 7.45 32.12
CA LEU A 276 -8.91 6.99 31.92
C LEU A 276 -9.37 6.11 33.08
N ALA A 277 -8.50 5.20 33.58
CA ALA A 277 -8.87 4.43 34.76
C ALA A 277 -9.12 5.33 35.96
N HIS A 278 -8.22 6.29 36.19
CA HIS A 278 -8.38 7.21 37.31
C HIS A 278 -9.73 7.93 37.28
N HIS A 279 -10.11 8.46 36.12
CA HIS A 279 -11.37 9.20 36.05
C HIS A 279 -12.57 8.27 36.07
N ALA A 280 -12.49 7.14 35.36
CA ALA A 280 -13.63 6.21 35.31
C ALA A 280 -14.01 5.75 36.71
N GLN A 281 -13.02 5.51 37.56
CA GLN A 281 -13.30 5.00 38.89
C GLN A 281 -14.03 6.03 39.76
N ILE A 282 -13.74 7.32 39.58
CA ILE A 282 -14.47 8.35 40.34
C ILE A 282 -15.82 8.63 39.71
N LEU A 283 -15.87 8.80 38.39
CA LEU A 283 -17.15 9.13 37.75
C LEU A 283 -18.09 7.94 37.68
N ASN A 284 -17.54 6.72 37.65
CA ASN A 284 -18.34 5.51 37.85
C ASN A 284 -18.13 5.01 39.26
N MET B 1 23.59 -5.98 13.62
CA MET B 1 23.47 -4.67 12.94
C MET B 1 24.88 -4.16 12.61
N THR B 2 25.09 -3.59 11.43
CA THR B 2 26.47 -3.17 11.07
C THR B 2 26.56 -1.69 10.74
N ASP B 3 25.49 -1.05 10.32
CA ASP B 3 25.69 0.40 10.06
C ASP B 3 24.50 1.22 10.54
N SER B 4 24.57 2.52 10.33
CA SER B 4 23.52 3.37 10.89
C SER B 4 22.89 4.21 9.80
N ILE B 5 21.86 4.95 10.16
CA ILE B 5 21.17 5.91 9.27
C ILE B 5 20.77 7.13 10.10
N LYS B 6 20.24 8.15 9.45
CA LYS B 6 19.88 9.41 10.13
C LYS B 6 18.60 9.26 10.96
N THR B 7 18.63 9.88 12.13
CA THR B 7 17.45 9.95 13.02
C THR B 7 16.89 11.35 12.96
N LEU B 8 15.70 11.54 12.40
CA LEU B 8 15.12 12.88 12.38
C LEU B 8 14.54 13.24 13.74
N SER B 9 13.94 12.28 14.46
CA SER B 9 13.36 12.51 15.77
C SER B 9 13.21 11.17 16.48
N ALA B 10 13.05 11.25 17.80
CA ALA B 10 12.94 10.07 18.65
C ALA B 10 12.11 10.45 19.86
N HIS B 11 11.18 9.59 20.24
CA HIS B 11 10.37 9.84 21.42
C HIS B 11 10.16 8.55 22.15
N ARG B 12 10.11 8.62 23.48
CA ARG B 12 9.79 7.44 24.27
C ARG B 12 8.30 7.08 24.11
N SER B 13 8.00 5.78 23.97
CA SER B 13 6.61 5.35 23.74
C SER B 13 6.39 3.94 24.30
N PHE B 14 5.57 3.90 25.37
CA PHE B 14 5.24 2.65 26.08
C PHE B 14 6.49 1.85 26.45
N GLY B 15 7.57 2.54 26.83
CA GLY B 15 8.79 1.88 27.22
C GLY B 15 9.77 1.65 26.10
N GLY B 16 9.32 1.68 24.84
CA GLY B 16 10.17 1.58 23.70
C GLY B 16 10.48 2.96 23.17
N VAL B 17 10.96 3.00 21.93
CA VAL B 17 11.36 4.25 21.29
C VAL B 17 10.69 4.34 19.92
N GLN B 18 10.05 5.48 19.65
CA GLN B 18 9.48 5.80 18.35
C GLN B 18 10.49 6.64 17.58
N HIS B 19 11.03 6.08 16.50
CA HIS B 19 12.02 6.74 15.66
C HIS B 19 11.41 7.21 14.35
N PHE B 20 12.03 8.24 13.79
CA PHE B 20 11.74 8.71 12.44
C PHE B 20 13.07 8.93 11.74
N HIS B 21 13.23 8.27 10.60
CA HIS B 21 14.52 8.12 9.96
C HIS B 21 14.51 8.71 8.56
N GLU B 22 15.72 8.85 8.01
CA GLU B 22 15.92 9.23 6.63
C GLU B 22 17.21 8.59 6.13
N HIS B 23 17.25 8.30 4.82
CA HIS B 23 18.40 7.64 4.21
C HIS B 23 18.37 7.91 2.71
N ALA B 24 19.55 7.90 2.09
CA ALA B 24 19.67 8.06 0.64
C ALA B 24 19.42 6.70 0.01
N SER B 25 18.30 6.57 -0.69
CA SER B 25 17.99 5.27 -1.26
C SER B 25 18.63 5.14 -2.65
N ARG B 26 19.20 3.94 -2.88
CA ARG B 26 19.75 3.62 -4.20
C ARG B 26 18.66 3.23 -5.19
N GLU B 27 17.63 2.52 -4.75
CA GLU B 27 16.60 2.05 -5.67
C GLU B 27 15.73 3.19 -6.18
N ILE B 28 15.47 4.19 -5.35
CA ILE B 28 14.68 5.34 -5.78
C ILE B 28 15.54 6.47 -6.34
N GLY B 29 16.78 6.59 -5.84
CA GLY B 29 17.68 7.66 -6.23
C GLY B 29 17.50 8.96 -5.49
N LEU B 30 16.86 8.93 -4.32
CA LEU B 30 16.45 10.13 -3.62
C LEU B 30 16.36 9.80 -2.14
N PRO B 31 16.48 10.79 -1.26
CA PRO B 31 16.30 10.49 0.16
C PRO B 31 14.89 9.99 0.42
N MET B 32 14.79 8.92 1.22
CA MET B 32 13.51 8.38 1.68
C MET B 32 13.39 8.46 3.20
N ARG B 33 12.15 8.62 3.67
CA ARG B 33 11.86 8.62 5.09
C ARG B 33 11.04 7.40 5.49
N PHE B 34 11.36 6.83 6.64
CA PHE B 34 10.59 5.72 7.17
C PHE B 34 10.60 5.81 8.69
N ALA B 35 9.59 5.23 9.30
CA ALA B 35 9.48 5.22 10.75
C ALA B 35 9.70 3.80 11.24
N ALA B 36 10.14 3.73 12.49
CA ALA B 36 10.41 2.46 13.15
C ALA B 36 10.14 2.66 14.62
N TYR B 37 9.21 1.87 15.16
CA TYR B 37 9.04 1.74 16.60
C TYR B 37 9.75 0.47 17.05
N LEU B 38 10.60 0.60 18.09
CA LEU B 38 11.31 -0.54 18.70
C LEU B 38 10.73 -0.78 20.09
N PRO B 39 10.28 -1.98 20.40
CA PRO B 39 9.65 -2.22 21.70
C PRO B 39 10.71 -2.41 22.78
N PRO B 40 10.32 -2.41 24.06
CA PRO B 40 11.31 -2.56 25.13
C PRO B 40 12.14 -3.83 25.02
N GLN B 41 11.58 -4.91 24.48
CA GLN B 41 12.25 -6.21 24.36
C GLN B 41 13.50 -6.15 23.50
N ALA B 42 13.59 -5.14 22.64
CA ALA B 42 14.68 -4.94 21.70
C ALA B 42 15.97 -4.50 22.40
N GLU B 43 15.90 -4.13 23.67
CA GLU B 43 17.12 -3.89 24.45
C GLU B 43 17.84 -5.18 24.80
N HIS B 44 17.13 -6.32 24.76
CA HIS B 44 17.63 -7.59 25.25
C HIS B 44 17.84 -8.63 24.17
N GLY B 45 17.62 -8.28 22.91
CA GLY B 45 17.62 -9.25 21.84
C GLY B 45 16.86 -8.72 20.66
N LYS B 46 17.04 -9.39 19.53
CA LYS B 46 16.39 -8.99 18.30
C LYS B 46 14.93 -9.44 18.32
N VAL B 47 14.05 -8.61 17.77
CA VAL B 47 12.62 -8.86 17.83
C VAL B 47 12.10 -9.01 16.41
N PRO B 48 11.01 -9.74 16.23
CA PRO B 48 10.28 -9.71 14.96
C PRO B 48 9.82 -8.30 14.61
N ALA B 49 9.48 -8.11 13.35
CA ALA B 49 9.06 -6.80 12.88
C ALA B 49 7.84 -6.92 11.97
N LEU B 50 6.93 -5.97 12.14
CA LEU B 50 5.73 -5.82 11.35
C LEU B 50 5.92 -4.63 10.43
N LEU B 51 5.71 -4.84 9.14
CA LEU B 51 5.75 -3.77 8.16
C LEU B 51 4.32 -3.31 7.87
N TYR B 52 4.09 -2.00 7.96
CA TYR B 52 2.81 -1.40 7.64
C TYR B 52 2.98 -0.47 6.44
N LEU B 53 2.15 -0.68 5.42
CA LEU B 53 2.17 0.10 4.19
C LEU B 53 0.88 0.93 4.16
N ALA B 54 1.01 2.25 4.02
CA ALA B 54 -0.17 3.10 4.11
C ALA B 54 -0.77 3.39 2.73
N GLY B 55 -2.00 3.91 2.73
CA GLY B 55 -2.72 4.18 1.50
C GLY B 55 -2.41 5.55 0.91
N LEU B 56 -3.25 5.93 -0.07
CA LEU B 56 -3.05 7.17 -0.82
C LEU B 56 -3.03 8.38 0.09
N THR B 57 -2.20 9.38 -0.25
CA THR B 57 -2.02 10.67 0.42
C THR B 57 -1.28 10.51 1.75
N CYS B 58 -0.81 9.32 2.09
CA CYS B 58 -0.17 9.05 3.36
C CYS B 58 1.36 9.13 3.27
N ASN B 59 2.00 9.26 4.44
CA ASN B 59 3.45 9.28 4.51
C ASN B 59 3.90 8.39 5.65
N GLU B 60 5.19 8.43 5.96
CA GLU B 60 5.76 7.56 6.99
C GLU B 60 5.38 7.98 8.40
N GLU B 61 4.52 8.97 8.58
CA GLU B 61 4.04 9.33 9.90
C GLU B 61 2.64 8.82 10.21
N THR B 62 1.81 8.60 9.19
CA THR B 62 0.38 8.44 9.40
C THR B 62 0.08 7.28 10.34
N PHE B 63 0.64 6.11 10.05
CA PHE B 63 0.38 4.93 10.86
C PHE B 63 0.85 5.12 12.29
N MET B 64 2.05 5.68 12.49
CA MET B 64 2.62 5.75 13.84
C MET B 64 1.87 6.73 14.72
N VAL B 65 1.30 7.81 14.13
CA VAL B 65 0.49 8.77 14.87
C VAL B 65 -0.93 8.24 15.11
N LYS B 66 -1.58 7.69 14.05
CA LYS B 66 -3.03 7.48 14.07
C LYS B 66 -3.47 6.09 14.47
N ALA B 67 -2.58 5.10 14.50
CA ALA B 67 -3.07 3.72 14.50
C ALA B 67 -3.23 3.12 15.89
N GLY B 68 -2.44 3.57 16.87
CA GLY B 68 -2.47 3.03 18.23
C GLY B 68 -1.75 1.70 18.39
N ALA B 69 -0.81 1.39 17.50
CA ALA B 69 -0.14 0.09 17.43
C ALA B 69 1.04 -0.05 18.38
N GLN B 70 1.67 1.06 18.78
CA GLN B 70 2.83 1.00 19.68
C GLN B 70 2.48 0.33 20.98
N ARG B 71 1.26 0.55 21.48
CA ARG B 71 0.84 -0.01 22.77
C ARG B 71 0.92 -1.53 22.74
N LEU B 72 0.39 -2.14 21.70
CA LEU B 72 0.43 -3.59 21.67
C LEU B 72 1.76 -4.09 21.17
N ALA B 73 2.43 -3.31 20.31
CA ALA B 73 3.80 -3.63 19.93
C ALA B 73 4.69 -3.77 21.16
N ALA B 74 4.45 -2.93 22.18
CA ALA B 74 5.30 -2.96 23.37
C ALA B 74 4.97 -4.15 24.26
N GLU B 75 3.68 -4.44 24.45
CA GLU B 75 3.32 -5.59 25.29
C GLU B 75 3.66 -6.93 24.65
N LEU B 76 3.65 -7.03 23.31
CA LEU B 76 3.95 -8.33 22.71
C LEU B 76 5.34 -8.42 22.12
N GLY B 77 6.13 -7.37 22.15
CA GLY B 77 7.52 -7.50 21.77
C GLY B 77 7.79 -7.47 20.29
N ILE B 78 7.12 -6.59 19.55
CA ILE B 78 7.24 -6.54 18.09
C ILE B 78 7.69 -5.16 17.67
N ALA B 79 8.59 -5.11 16.69
CA ALA B 79 8.92 -3.86 16.05
C ALA B 79 7.92 -3.52 14.93
N LEU B 80 7.76 -2.22 14.67
CA LEU B 80 6.83 -1.68 13.68
C LEU B 80 7.61 -0.82 12.71
N ILE B 81 7.42 -1.06 11.41
CA ILE B 81 8.16 -0.37 10.35
C ILE B 81 7.16 0.23 9.37
N ALA B 82 7.26 1.52 9.11
CA ALA B 82 6.31 2.20 8.23
C ALA B 82 7.03 3.05 7.19
N PRO B 83 7.20 2.55 5.98
CA PRO B 83 7.85 3.35 4.93
C PRO B 83 6.93 4.46 4.46
N ASP B 84 7.51 5.38 3.69
CA ASP B 84 6.72 6.33 2.91
C ASP B 84 5.96 5.58 1.82
N THR B 85 5.05 6.29 1.14
CA THR B 85 4.18 5.71 0.14
C THR B 85 4.59 6.00 -1.30
N SER B 86 5.72 6.68 -1.47
CA SER B 86 6.15 7.17 -2.78
C SER B 86 7.49 7.88 -2.64
N PRO B 87 8.22 8.05 -3.73
CA PRO B 87 9.37 8.96 -3.69
C PRO B 87 8.89 10.36 -3.35
N ARG B 88 9.78 11.16 -2.80
CA ARG B 88 9.50 12.57 -2.58
C ARG B 88 10.57 13.40 -3.28
N GLY B 89 10.23 14.62 -3.67
CA GLY B 89 11.25 15.52 -4.22
C GLY B 89 11.87 15.07 -5.54
N ALA B 90 11.14 14.29 -6.34
CA ALA B 90 11.59 13.91 -7.67
C ALA B 90 11.36 14.98 -8.73
N HIS B 91 10.55 16.00 -8.45
CA HIS B 91 10.26 17.08 -9.39
C HIS B 91 9.91 16.54 -10.78
N ILE B 92 8.80 15.83 -10.81
CA ILE B 92 8.25 15.17 -11.98
C ILE B 92 6.99 15.90 -12.39
N ASP B 93 6.79 16.13 -13.68
CA ASP B 93 5.56 16.78 -14.12
C ASP B 93 4.40 15.80 -14.07
N GLY B 94 3.32 16.21 -13.40
CA GLY B 94 2.18 15.37 -13.16
C GLY B 94 2.18 14.65 -11.82
N GLU B 95 3.30 14.70 -11.08
CA GLU B 95 3.42 13.92 -9.85
C GLU B 95 2.35 14.29 -8.84
N SER B 96 1.85 15.52 -8.90
CA SER B 96 1.00 16.11 -7.88
C SER B 96 -0.29 16.67 -8.46
N THR B 97 -0.63 16.27 -9.69
CA THR B 97 -1.89 16.68 -10.30
C THR B 97 -3.08 16.17 -9.50
N SER B 98 -3.10 14.88 -9.19
CA SER B 98 -4.21 14.23 -8.52
C SER B 98 -3.69 13.40 -7.37
N TRP B 99 -4.44 13.36 -6.27
CA TRP B 99 -4.00 12.59 -5.11
C TRP B 99 -4.08 11.08 -5.34
N ASP B 100 -4.65 10.63 -6.45
CA ASP B 100 -4.78 9.22 -6.76
C ASP B 100 -3.66 8.69 -7.66
N PHE B 101 -2.53 9.39 -7.70
CA PHE B 101 -1.43 9.05 -8.60
C PHE B 101 -0.24 9.94 -8.29
N GLY B 102 0.96 9.42 -8.47
CA GLY B 102 2.16 10.21 -8.27
C GLY B 102 2.65 10.15 -6.84
N VAL B 103 2.87 11.32 -6.24
CA VAL B 103 3.37 11.36 -4.86
C VAL B 103 2.23 11.03 -3.92
N GLY B 104 2.53 10.23 -2.89
CA GLY B 104 1.50 9.65 -2.05
C GLY B 104 0.75 8.50 -2.70
N ALA B 105 1.24 7.99 -3.83
CA ALA B 105 0.52 7.03 -4.65
C ALA B 105 1.47 6.19 -5.51
N GLY B 106 2.42 5.49 -4.89
CA GLY B 106 3.34 4.66 -5.64
C GLY B 106 2.85 3.24 -5.87
N PHE B 107 1.75 2.87 -5.21
CA PHE B 107 1.08 1.58 -5.37
C PHE B 107 2.02 0.40 -5.22
N TYR B 108 3.19 0.59 -4.60
CA TYR B 108 4.07 -0.50 -4.20
C TYR B 108 4.45 -1.40 -5.36
N LEU B 109 4.70 -0.80 -6.53
CA LEU B 109 5.17 -1.51 -7.71
C LEU B 109 6.33 -0.74 -8.33
N ASP B 110 7.10 -1.42 -9.18
CA ASP B 110 8.15 -0.74 -9.95
C ASP B 110 7.55 -0.26 -11.27
N ALA B 111 7.65 1.04 -11.52
CA ALA B 111 7.13 1.59 -12.76
C ALA B 111 8.10 1.34 -13.90
N THR B 112 7.58 1.00 -15.07
CA THR B 112 8.40 0.85 -16.26
C THR B 112 8.25 2.01 -17.23
N ALA B 113 7.18 2.77 -17.12
CA ALA B 113 6.91 3.88 -18.04
C ALA B 113 7.50 5.17 -17.49
N ALA B 114 8.28 5.86 -18.33
CA ALA B 114 8.81 7.15 -17.97
C ALA B 114 7.69 8.18 -18.01
N PRO B 115 7.83 9.29 -17.26
CA PRO B 115 8.95 9.75 -16.43
C PRO B 115 9.03 9.08 -15.05
N TRP B 116 8.23 8.03 -14.86
CA TRP B 116 8.07 7.37 -13.57
C TRP B 116 9.09 6.27 -13.33
N ALA B 117 9.66 5.70 -14.39
CA ALA B 117 10.59 4.57 -14.21
C ALA B 117 11.79 4.91 -13.31
N PRO B 118 12.48 6.04 -13.44
CA PRO B 118 13.72 6.21 -12.66
C PRO B 118 13.54 6.17 -11.15
N ASN B 119 12.50 6.82 -10.62
CA ASN B 119 12.33 7.01 -9.18
C ASN B 119 11.22 6.16 -8.57
N TRP B 120 10.16 5.82 -9.32
CA TRP B 120 8.99 5.12 -8.76
C TRP B 120 9.21 3.61 -8.73
N ARG B 121 10.10 3.18 -7.82
CA ARG B 121 10.47 1.78 -7.70
C ARG B 121 10.23 1.33 -6.27
N MET B 122 8.96 1.46 -5.85
CA MET B 122 8.61 1.17 -4.46
C MET B 122 8.65 -0.33 -4.17
N GLU B 123 8.59 -1.19 -5.17
CA GLU B 123 8.66 -2.62 -4.86
C GLU B 123 10.08 -3.07 -4.53
N SER B 124 11.03 -2.85 -5.46
CA SER B 124 12.40 -3.29 -5.15
C SER B 124 13.02 -2.44 -4.03
N TYR B 125 12.56 -1.20 -3.87
CA TYR B 125 12.96 -0.39 -2.73
C TYR B 125 12.67 -1.11 -1.42
N LEU B 126 11.46 -1.66 -1.28
CA LEU B 126 11.10 -2.30 -0.02
C LEU B 126 11.74 -3.67 0.10
N VAL B 127 11.80 -4.42 -0.99
CA VAL B 127 12.30 -5.80 -0.98
C VAL B 127 13.81 -5.83 -0.95
N ASP B 128 14.45 -5.08 -1.86
CA ASP B 128 15.88 -5.23 -2.03
C ASP B 128 16.70 -4.23 -1.22
N GLU B 129 16.10 -3.12 -0.80
CA GLU B 129 16.83 -2.10 -0.07
C GLU B 129 16.37 -1.94 1.38
N LEU B 130 15.10 -1.58 1.61
CA LEU B 130 14.69 -1.21 2.97
C LEU B 130 14.74 -2.42 3.89
N LEU B 131 14.08 -3.50 3.50
CA LEU B 131 14.04 -4.67 4.38
C LEU B 131 15.43 -5.15 4.76
N PRO B 132 16.36 -5.43 3.83
CA PRO B 132 17.69 -5.86 4.28
C PRO B 132 18.42 -4.80 5.09
N LEU B 133 18.22 -3.52 4.80
CA LEU B 133 18.94 -2.62 5.69
C LEU B 133 18.27 -2.52 7.05
N LEU B 134 16.99 -2.91 7.24
CA LEU B 134 16.43 -2.96 8.58
C LEU B 134 17.14 -3.97 9.46
N ALA B 135 17.59 -5.09 8.88
CA ALA B 135 18.38 -6.07 9.63
C ALA B 135 19.84 -5.64 9.83
N LYS B 136 20.35 -4.71 9.02
CA LYS B 136 21.67 -4.13 9.20
C LYS B 136 21.72 -2.98 10.20
N THR B 137 20.57 -2.39 10.57
CA THR B 137 20.53 -1.16 11.35
C THR B 137 19.68 -1.22 12.60
N LEU B 138 18.75 -2.16 12.69
CA LEU B 138 17.79 -2.23 13.77
C LEU B 138 17.90 -3.59 14.44
N PRO B 139 17.61 -3.67 15.74
CA PRO B 139 17.58 -4.97 16.41
C PRO B 139 16.36 -5.78 15.98
N ILE B 140 16.36 -6.18 14.71
CA ILE B 140 15.24 -6.82 14.02
C ILE B 140 15.64 -8.25 13.67
N ASP B 141 14.75 -9.21 13.87
CA ASP B 141 14.96 -10.53 13.31
C ASP B 141 14.41 -10.52 11.88
N GLY B 142 15.32 -10.40 10.92
CA GLY B 142 14.99 -10.34 9.49
C GLY B 142 14.33 -11.59 8.94
N ASP B 143 14.46 -12.74 9.61
CA ASP B 143 13.73 -13.93 9.22
C ASP B 143 12.34 -14.02 9.85
N ARG B 144 11.91 -13.00 10.59
CA ARG B 144 10.56 -12.97 11.19
C ARG B 144 9.90 -11.60 10.91
N ILE B 145 9.61 -11.36 9.63
CA ILE B 145 8.99 -10.11 9.19
C ILE B 145 7.58 -10.39 8.71
N GLY B 146 6.59 -9.73 9.32
CA GLY B 146 5.23 -9.75 8.84
C GLY B 146 4.87 -8.47 8.10
N VAL B 147 3.80 -8.52 7.29
CA VAL B 147 3.39 -7.35 6.52
C VAL B 147 1.89 -7.13 6.64
N PHE B 148 1.50 -5.87 6.77
CA PHE B 148 0.08 -5.54 6.67
C PHE B 148 -0.03 -4.09 6.21
N GLY B 149 -1.26 -3.62 6.05
CA GLY B 149 -1.43 -2.35 5.33
C GLY B 149 -2.88 -1.96 5.15
N HIS B 150 -3.09 -0.79 4.53
CA HIS B 150 -4.39 -0.14 4.43
C HIS B 150 -4.57 0.43 3.02
N SER B 151 -5.62 -0.03 2.33
CA SER B 151 -6.11 0.21 0.96
C SER B 151 -5.07 0.06 -0.16
N MET B 152 -4.47 1.14 -0.73
CA MET B 152 -3.26 0.98 -1.53
C MET B 152 -2.23 0.10 -0.84
N GLY B 153 -1.99 0.31 0.47
CA GLY B 153 -1.09 -0.55 1.22
C GLY B 153 -1.67 -1.88 1.61
N GLY B 154 -2.97 -2.05 1.44
CA GLY B 154 -3.49 -3.39 1.55
C GLY B 154 -3.10 -4.18 0.33
N HIS B 155 -3.27 -3.54 -0.83
CA HIS B 155 -2.76 -3.99 -2.12
C HIS B 155 -1.28 -4.36 -2.02
N GLY B 156 -0.51 -3.42 -1.46
CA GLY B 156 0.94 -3.64 -1.37
C GLY B 156 1.29 -4.86 -0.55
N ALA B 157 0.71 -4.95 0.65
CA ALA B 157 0.96 -6.08 1.54
C ALA B 157 0.55 -7.39 0.90
N LEU B 158 -0.64 -7.44 0.29
CA LEU B 158 -1.08 -8.68 -0.34
C LEU B 158 -0.19 -9.03 -1.54
N THR B 159 0.17 -8.05 -2.37
CA THR B 159 0.94 -8.39 -3.56
C THR B 159 2.41 -8.68 -3.25
N LEU B 160 2.98 -7.98 -2.26
CA LEU B 160 4.38 -8.26 -1.93
C LEU B 160 4.52 -9.55 -1.12
N ALA B 161 3.55 -9.89 -0.27
CA ALA B 161 3.59 -11.21 0.33
C ALA B 161 3.53 -12.32 -0.73
N LEU B 162 2.68 -12.15 -1.74
CA LEU B 162 2.49 -13.22 -2.71
C LEU B 162 3.63 -13.29 -3.72
N ARG B 163 4.29 -12.16 -4.01
CA ARG B 163 5.30 -12.12 -5.05
C ARG B 163 6.70 -12.41 -4.52
N HIS B 164 6.90 -12.40 -3.21
CA HIS B 164 8.20 -12.73 -2.62
C HIS B 164 7.98 -13.78 -1.53
N PRO B 165 7.70 -15.03 -1.92
CA PRO B 165 7.38 -16.08 -0.94
C PRO B 165 8.57 -16.38 -0.04
N GLY B 166 8.27 -16.56 1.25
CA GLY B 166 9.27 -16.71 2.28
C GLY B 166 9.72 -15.43 2.93
N LEU B 167 9.51 -14.29 2.29
CA LEU B 167 9.96 -13.01 2.83
C LEU B 167 9.09 -12.56 4.01
N PHE B 168 7.77 -12.69 3.89
CA PHE B 168 6.83 -12.21 4.91
C PHE B 168 6.12 -13.40 5.54
N LYS B 169 6.32 -13.56 6.84
CA LYS B 169 5.82 -14.75 7.50
C LYS B 169 4.36 -14.65 7.91
N SER B 170 3.77 -13.45 7.89
CA SER B 170 2.37 -13.27 8.28
C SER B 170 1.80 -12.09 7.51
N LEU B 171 0.48 -12.08 7.39
CA LEU B 171 -0.17 -11.22 6.41
C LEU B 171 -1.58 -10.81 6.84
N SER B 172 -1.89 -9.55 6.64
CA SER B 172 -3.20 -9.04 7.00
C SER B 172 -3.36 -7.70 6.32
N ALA B 173 -4.59 -7.20 6.32
CA ALA B 173 -4.86 -5.94 5.64
C ALA B 173 -6.11 -5.29 6.21
N PHE B 174 -6.17 -3.98 6.08
CA PHE B 174 -7.36 -3.20 6.36
C PHE B 174 -7.86 -2.65 5.02
N ALA B 175 -9.14 -2.95 4.68
CA ALA B 175 -9.83 -2.39 3.52
C ALA B 175 -8.98 -2.42 2.25
N PRO B 176 -8.33 -3.53 1.91
CA PRO B 176 -7.36 -3.51 0.82
C PRO B 176 -8.03 -3.31 -0.53
N ILE B 177 -7.25 -2.76 -1.45
CA ILE B 177 -7.57 -2.81 -2.87
C ILE B 177 -7.19 -4.20 -3.36
N CYS B 178 -8.20 -5.02 -3.66
CA CYS B 178 -7.92 -6.43 -3.95
C CYS B 178 -7.73 -6.72 -5.44
N ALA B 179 -8.40 -5.98 -6.32
CA ALA B 179 -8.40 -6.25 -7.76
C ALA B 179 -8.05 -4.95 -8.45
N PRO B 180 -6.82 -4.45 -8.27
CA PRO B 180 -6.46 -3.18 -8.89
C PRO B 180 -6.76 -3.15 -10.39
N THR B 181 -6.69 -4.29 -11.09
CA THR B 181 -7.07 -4.32 -12.50
C THR B 181 -8.58 -4.18 -12.71
N GLN B 182 -9.39 -4.07 -11.65
CA GLN B 182 -10.85 -4.00 -11.83
C GLN B 182 -11.46 -2.84 -11.09
N CYS B 183 -10.66 -1.85 -10.79
CA CYS B 183 -11.15 -0.65 -10.16
C CYS B 183 -10.45 0.51 -10.81
N PRO B 184 -11.03 1.70 -10.69
CA PRO B 184 -10.44 2.85 -11.36
C PRO B 184 -9.15 3.32 -10.74
N TRP B 185 -8.92 3.12 -9.45
CA TRP B 185 -7.67 3.57 -8.85
C TRP B 185 -6.48 2.80 -9.44
N GLY B 186 -6.61 1.47 -9.51
CA GLY B 186 -5.54 0.65 -10.06
C GLY B 186 -5.47 0.73 -11.56
N HIS B 187 -6.60 0.95 -12.23
CA HIS B 187 -6.53 1.15 -13.67
C HIS B 187 -5.77 2.42 -14.02
N LYS B 188 -5.99 3.52 -13.29
CA LYS B 188 -5.26 4.75 -13.60
C LYS B 188 -3.78 4.63 -13.25
N ALA B 189 -3.45 3.95 -12.14
CA ALA B 189 -2.06 3.85 -11.73
C ALA B 189 -1.27 2.85 -12.58
N PHE B 190 -1.89 1.72 -12.95
CA PHE B 190 -1.22 0.77 -13.84
C PHE B 190 -0.96 1.39 -15.20
N THR B 191 -1.91 2.18 -15.71
CA THR B 191 -1.74 2.89 -16.97
C THR B 191 -0.54 3.83 -16.92
N GLY B 192 -0.49 4.67 -15.88
CA GLY B 192 0.60 5.63 -15.76
C GLY B 192 1.94 4.96 -15.60
N TYR B 193 2.03 3.99 -14.70
CA TYR B 193 3.29 3.39 -14.28
C TYR B 193 3.76 2.26 -15.20
N LEU B 194 2.82 1.48 -15.75
CA LEU B 194 3.08 0.25 -16.49
C LEU B 194 2.76 0.33 -17.97
N GLY B 195 1.98 1.31 -18.39
CA GLY B 195 1.54 1.40 -19.76
C GLY B 195 0.20 0.77 -19.96
N ALA B 196 -0.33 1.00 -21.14
CA ALA B 196 -1.74 0.57 -21.44
C ALA B 196 -1.87 -0.88 -21.73
N ASP B 197 -0.76 -1.62 -21.70
CA ASP B 197 -0.71 -3.05 -22.02
C ASP B 197 -1.00 -3.85 -20.76
N THR B 198 -2.20 -4.44 -20.71
CA THR B 198 -2.65 -4.95 -19.44
C THR B 198 -2.13 -6.36 -19.16
N THR B 199 -1.33 -6.95 -20.06
CA THR B 199 -0.64 -8.20 -19.78
C THR B 199 0.47 -8.05 -18.74
N ARG B 200 0.98 -6.83 -18.56
CA ARG B 200 2.02 -6.58 -17.57
C ARG B 200 1.44 -6.04 -16.27
N TRP B 201 0.12 -5.97 -16.18
CA TRP B 201 -0.63 -5.57 -15.01
C TRP B 201 -0.89 -6.73 -14.06
N ILE B 202 -1.21 -7.91 -14.58
CA ILE B 202 -1.84 -8.95 -13.76
C ILE B 202 -0.91 -9.44 -12.67
N GLU B 203 0.40 -9.37 -12.89
CA GLU B 203 1.34 -9.77 -11.87
C GLU B 203 1.33 -8.83 -10.69
N HIS B 204 0.56 -7.74 -10.73
CA HIS B 204 0.48 -6.78 -9.64
C HIS B 204 -0.90 -6.77 -8.98
N ASP B 205 -1.75 -7.76 -9.28
CA ASP B 205 -3.10 -7.77 -8.76
C ASP B 205 -3.26 -9.00 -7.87
N ALA B 206 -3.64 -8.73 -6.63
CA ALA B 206 -3.57 -9.76 -5.60
C ALA B 206 -4.57 -10.87 -5.86
N THR B 207 -5.72 -10.54 -6.45
CA THR B 207 -6.72 -11.57 -6.67
C THR B 207 -6.32 -12.53 -7.79
N VAL B 208 -5.78 -12.00 -8.89
CA VAL B 208 -5.32 -12.93 -9.93
C VAL B 208 -4.14 -13.75 -9.42
N LEU B 209 -3.19 -13.11 -8.75
CA LEU B 209 -2.12 -13.84 -8.07
C LEU B 209 -2.66 -14.98 -7.22
N MET B 210 -3.62 -14.68 -6.34
CA MET B 210 -4.12 -15.71 -5.44
C MET B 210 -4.80 -16.83 -6.22
N GLN B 211 -5.56 -16.49 -7.26
CA GLN B 211 -6.20 -17.48 -8.11
C GLN B 211 -5.23 -18.54 -8.64
N HIS B 212 -3.94 -18.22 -8.75
CA HIS B 212 -2.97 -19.09 -9.41
C HIS B 212 -1.90 -19.63 -8.46
N GLN B 213 -2.03 -19.42 -7.16
CA GLN B 213 -1.15 -20.10 -6.23
C GLN B 213 -1.33 -21.60 -6.38
N PRO B 214 -0.25 -22.38 -6.28
CA PRO B 214 -0.39 -23.84 -6.39
C PRO B 214 -0.90 -24.43 -5.08
N VAL B 215 -0.43 -23.86 -3.98
CA VAL B 215 -0.87 -24.20 -2.63
C VAL B 215 -1.28 -22.90 -1.93
N ALA B 216 -1.95 -23.05 -0.80
CA ALA B 216 -2.21 -21.93 0.10
C ALA B 216 -0.89 -21.32 0.53
N PRO B 217 -0.61 -20.05 0.21
CA PRO B 217 0.67 -19.47 0.62
C PRO B 217 0.73 -19.09 2.10
N TYR B 218 -0.41 -18.99 2.80
CA TYR B 218 -0.45 -18.61 4.22
C TYR B 218 -1.39 -19.54 4.98
N PRO B 219 -0.95 -20.77 5.24
CA PRO B 219 -1.79 -21.74 5.95
C PRO B 219 -2.17 -21.31 7.34
N ALA B 220 -1.42 -20.38 7.94
CA ALA B 220 -1.83 -19.89 9.23
C ALA B 220 -3.05 -18.99 9.12
N GLY B 221 -3.37 -18.55 7.92
CA GLY B 221 -4.54 -17.73 7.73
C GLY B 221 -4.19 -16.30 7.36
N ILE B 222 -5.13 -15.64 6.70
CA ILE B 222 -5.01 -14.23 6.37
C ILE B 222 -6.15 -13.49 7.05
N LEU B 223 -5.85 -12.33 7.60
CA LEU B 223 -6.81 -11.52 8.34
C LEU B 223 -7.08 -10.23 7.57
N ILE B 224 -8.32 -10.04 7.14
CA ILE B 224 -8.73 -8.83 6.47
C ILE B 224 -9.97 -8.29 7.16
N ASP B 225 -9.94 -7.01 7.48
CA ASP B 225 -11.07 -6.31 8.07
C ASP B 225 -11.57 -5.26 7.11
N GLN B 226 -12.91 -5.16 6.96
CA GLN B 226 -13.53 -4.19 6.08
C GLN B 226 -14.75 -3.57 6.76
N GLY B 227 -14.87 -2.25 6.67
CA GLY B 227 -16.07 -1.57 7.15
C GLY B 227 -17.14 -1.51 6.08
N LEU B 228 -18.40 -1.70 6.51
CA LEU B 228 -19.56 -1.68 5.62
C LEU B 228 -19.98 -0.27 5.24
N ALA B 229 -19.44 0.72 5.95
CA ALA B 229 -19.73 2.15 5.67
C ALA B 229 -18.63 2.75 4.80
N ASP B 230 -17.71 1.94 4.30
CA ASP B 230 -16.59 2.40 3.46
C ASP B 230 -17.12 2.95 2.13
N LYS B 231 -16.87 4.22 1.88
CA LYS B 231 -17.36 4.91 0.68
C LYS B 231 -16.63 4.44 -0.58
N PHE B 232 -15.50 3.75 -0.42
CA PHE B 232 -14.78 3.24 -1.58
C PHE B 232 -15.00 1.75 -1.76
N LEU B 233 -15.74 1.10 -0.88
CA LEU B 233 -15.87 -0.35 -0.93
C LEU B 233 -16.42 -0.79 -2.27
N ALA B 234 -17.55 -0.22 -2.69
CA ALA B 234 -18.20 -0.65 -3.91
C ALA B 234 -17.35 -0.35 -5.15
N GLU B 235 -16.65 0.79 -5.15
CA GLU B 235 -15.98 1.28 -6.34
C GLU B 235 -14.50 0.89 -6.43
N GLN B 236 -13.84 0.63 -5.31
CA GLN B 236 -12.39 0.50 -5.38
C GLN B 236 -11.77 -0.77 -4.81
N LEU B 237 -12.43 -1.44 -3.86
CA LEU B 237 -11.72 -2.42 -3.05
C LEU B 237 -11.99 -3.86 -3.48
N HIS B 238 -13.26 -4.21 -3.72
CA HIS B 238 -13.68 -5.51 -4.20
C HIS B 238 -13.11 -6.72 -3.44
N PRO B 239 -13.25 -6.77 -2.12
CA PRO B 239 -12.76 -7.94 -1.39
C PRO B 239 -13.51 -9.22 -1.71
N HIS B 240 -14.71 -9.13 -2.29
CA HIS B 240 -15.43 -10.32 -2.73
C HIS B 240 -14.60 -11.17 -3.68
N LEU B 241 -13.82 -10.54 -4.55
CA LEU B 241 -13.06 -11.25 -5.57
C LEU B 241 -11.88 -11.99 -4.96
N LEU B 242 -11.20 -11.37 -3.99
CA LEU B 242 -10.15 -12.05 -3.26
C LEU B 242 -10.71 -13.17 -2.38
N GLU B 243 -11.87 -12.94 -1.78
CA GLU B 243 -12.53 -13.97 -1.01
C GLU B 243 -12.69 -15.23 -1.86
N ASP B 244 -13.20 -15.06 -3.08
CA ASP B 244 -13.46 -16.20 -3.96
C ASP B 244 -12.18 -16.89 -4.38
N ALA B 245 -11.12 -16.12 -4.61
CA ALA B 245 -9.87 -16.70 -5.07
C ALA B 245 -9.24 -17.57 -3.99
N CYS B 246 -9.32 -17.12 -2.71
CA CYS B 246 -8.80 -17.96 -1.63
C CYS B 246 -9.63 -19.22 -1.45
N ARG B 247 -10.96 -19.12 -1.57
CA ARG B 247 -11.84 -20.28 -1.50
C ARG B 247 -11.50 -21.29 -2.58
N ALA B 248 -11.15 -20.80 -3.78
CA ALA B 248 -10.85 -21.71 -4.89
C ALA B 248 -9.60 -22.53 -4.61
N ILE B 249 -8.55 -21.91 -4.05
CA ILE B 249 -7.30 -22.61 -3.86
C ILE B 249 -7.11 -23.11 -2.43
N GLY B 250 -8.11 -22.91 -1.55
CA GLY B 250 -8.06 -23.43 -0.20
C GLY B 250 -7.23 -22.61 0.78
N GLN B 251 -7.02 -21.32 0.47
CA GLN B 251 -6.30 -20.43 1.38
C GLN B 251 -7.23 -19.97 2.50
N PRO B 252 -6.94 -20.30 3.75
CA PRO B 252 -7.77 -19.80 4.87
C PRO B 252 -7.78 -18.27 4.89
N LEU B 253 -8.97 -17.69 4.97
CA LEU B 253 -9.14 -16.24 4.94
C LEU B 253 -10.23 -15.82 5.92
N THR B 254 -9.91 -15.00 6.91
CA THR B 254 -10.93 -14.40 7.76
C THR B 254 -11.12 -12.98 7.24
N LEU B 255 -12.11 -12.79 6.37
CA LEU B 255 -12.51 -11.46 5.92
C LEU B 255 -13.73 -11.04 6.74
N ARG B 256 -13.54 -10.09 7.64
CA ARG B 256 -14.62 -9.66 8.51
C ARG B 256 -15.19 -8.35 7.98
N ARG B 257 -16.50 -8.32 7.86
CA ARG B 257 -17.25 -7.14 7.45
C ARG B 257 -17.91 -6.53 8.67
N HIS B 258 -17.74 -5.22 8.84
CA HIS B 258 -18.19 -4.56 10.07
C HIS B 258 -19.17 -3.45 9.72
N GLU B 259 -20.39 -3.55 10.22
CA GLU B 259 -21.45 -2.54 9.98
C GLU B 259 -21.04 -1.18 10.56
N GLY B 260 -21.31 -0.12 9.82
CA GLY B 260 -21.10 1.28 10.28
C GLY B 260 -19.69 1.81 10.23
N TYR B 261 -18.70 0.95 10.10
CA TYR B 261 -17.29 1.40 10.07
C TYR B 261 -16.95 1.94 8.69
N ASP B 262 -16.16 3.00 8.59
CA ASP B 262 -15.74 3.64 7.32
C ASP B 262 -14.34 3.18 6.91
N HIS B 263 -13.74 3.98 6.16
CA HIS B 263 -12.41 3.64 5.61
C HIS B 263 -11.22 4.19 6.38
N GLY B 264 -11.42 5.14 7.31
CA GLY B 264 -10.27 5.82 7.86
C GLY B 264 -9.77 5.22 9.15
N TYR B 265 -8.97 6.02 9.85
CA TYR B 265 -8.19 5.47 10.95
C TYR B 265 -8.92 5.34 12.27
N TYR B 266 -10.15 5.85 12.41
CA TYR B 266 -10.93 5.40 13.55
C TYR B 266 -11.33 3.94 13.37
N PHE B 267 -11.62 3.56 12.12
CA PHE B 267 -11.79 2.15 11.78
C PHE B 267 -10.52 1.35 12.02
N VAL B 268 -9.39 1.81 11.46
CA VAL B 268 -8.15 1.06 11.56
C VAL B 268 -7.74 0.89 13.02
N GLN B 269 -7.81 1.96 13.83
CA GLN B 269 -7.39 1.74 15.21
C GLN B 269 -8.38 0.87 15.97
N SER B 270 -9.63 0.76 15.50
CA SER B 270 -10.59 -0.11 16.18
C SER B 270 -10.30 -1.61 16.03
N PHE B 271 -9.55 -2.05 15.03
CA PHE B 271 -9.25 -3.47 14.94
C PHE B 271 -7.76 -3.73 14.97
N MET B 272 -6.96 -2.72 15.35
CA MET B 272 -5.52 -2.85 15.32
C MET B 272 -5.05 -3.94 16.26
N ALA B 273 -5.71 -4.07 17.42
CA ALA B 273 -5.29 -5.09 18.38
C ALA B 273 -5.40 -6.50 17.80
N ASP B 274 -6.51 -6.80 17.10
CA ASP B 274 -6.66 -8.10 16.45
C ASP B 274 -5.52 -8.35 15.47
N HIS B 275 -5.09 -7.32 14.74
CA HIS B 275 -4.04 -7.54 13.76
C HIS B 275 -2.71 -7.83 14.43
N LEU B 276 -2.43 -7.13 15.53
CA LEU B 276 -1.15 -7.34 16.20
C LEU B 276 -1.10 -8.72 16.86
N ALA B 277 -2.20 -9.15 17.48
CA ALA B 277 -2.28 -10.49 18.06
C ALA B 277 -2.10 -11.56 16.98
N HIS B 278 -2.63 -11.33 15.79
CA HIS B 278 -2.47 -12.29 14.70
C HIS B 278 -1.00 -12.40 14.29
N HIS B 279 -0.35 -11.26 14.06
CA HIS B 279 1.03 -11.31 13.61
C HIS B 279 1.92 -11.86 14.71
N ALA B 280 1.80 -11.31 15.92
CA ALA B 280 2.62 -11.74 17.06
C ALA B 280 2.56 -13.24 17.25
N GLN B 281 1.36 -13.81 17.26
CA GLN B 281 1.22 -15.25 17.44
C GLN B 281 2.03 -16.02 16.41
N ILE B 282 2.04 -15.55 15.16
CA ILE B 282 2.79 -16.28 14.14
C ILE B 282 4.28 -16.01 14.29
N LEU B 283 4.68 -14.73 14.28
CA LEU B 283 6.09 -14.37 14.35
C LEU B 283 6.78 -14.86 15.62
N ASN B 284 6.07 -14.87 16.76
CA ASN B 284 6.59 -15.38 18.03
C ASN B 284 6.31 -16.88 18.18
N SER C 4 26.99 -8.17 -38.46
CA SER C 4 27.72 -9.45 -38.17
C SER C 4 26.84 -10.64 -38.55
N ILE C 5 26.52 -10.82 -39.84
CA ILE C 5 25.67 -11.98 -40.27
C ILE C 5 26.35 -12.70 -41.44
N LYS C 6 26.24 -14.03 -41.49
CA LYS C 6 26.84 -14.84 -42.57
C LYS C 6 25.81 -15.79 -43.18
N THR C 7 25.53 -15.65 -44.47
CA THR C 7 24.60 -16.52 -45.23
C THR C 7 25.23 -17.91 -45.42
N LEU C 8 24.80 -18.91 -44.63
CA LEU C 8 25.33 -20.27 -44.63
C LEU C 8 24.92 -21.04 -45.90
N SER C 9 23.69 -20.88 -46.37
CA SER C 9 23.24 -21.48 -47.63
C SER C 9 22.26 -20.53 -48.28
N ALA C 10 21.94 -20.80 -49.54
CA ALA C 10 21.00 -20.01 -50.32
C ALA C 10 20.54 -20.85 -51.51
N HIS C 11 19.23 -20.93 -51.71
CA HIS C 11 18.67 -21.91 -52.62
C HIS C 11 17.52 -21.27 -53.38
N ARG C 12 17.58 -21.31 -54.71
CA ARG C 12 16.42 -20.91 -55.49
C ARG C 12 15.24 -21.77 -55.07
N SER C 13 14.06 -21.15 -55.01
CA SER C 13 12.90 -21.78 -54.40
C SER C 13 11.67 -21.10 -54.97
N PHE C 14 10.88 -21.83 -55.76
CA PHE C 14 9.66 -21.32 -56.38
C PHE C 14 9.81 -19.91 -56.93
N GLY C 15 10.95 -19.61 -57.57
CA GLY C 15 11.22 -18.28 -58.07
C GLY C 15 11.95 -17.37 -57.10
N GLY C 16 11.63 -17.47 -55.81
CA GLY C 16 12.30 -16.69 -54.80
C GLY C 16 13.61 -17.33 -54.43
N VAL C 17 14.12 -16.95 -53.25
CA VAL C 17 15.37 -17.50 -52.71
C VAL C 17 15.16 -17.91 -51.25
N GLN C 18 15.73 -19.06 -50.89
CA GLN C 18 15.68 -19.62 -49.54
C GLN C 18 17.05 -19.49 -48.90
N HIS C 19 17.16 -18.66 -47.85
CA HIS C 19 18.43 -18.44 -47.16
C HIS C 19 18.46 -19.14 -45.82
N PHE C 20 19.68 -19.37 -45.34
CA PHE C 20 19.95 -19.83 -43.98
C PHE C 20 21.06 -18.94 -43.43
N HIS C 21 20.71 -17.98 -42.60
CA HIS C 21 21.69 -17.05 -42.06
C HIS C 21 22.15 -17.46 -40.67
N GLU C 22 23.38 -17.06 -40.32
CA GLU C 22 23.89 -17.14 -38.97
C GLU C 22 24.34 -15.75 -38.53
N HIS C 23 24.21 -15.46 -37.25
CA HIS C 23 24.65 -14.19 -36.72
C HIS C 23 24.94 -14.34 -35.23
N ALA C 24 25.55 -13.31 -34.65
CA ALA C 24 25.75 -13.33 -33.18
C ALA C 24 24.64 -12.49 -32.56
N SER C 25 23.96 -13.00 -31.55
CA SER C 25 22.89 -12.18 -30.97
C SER C 25 23.40 -11.51 -29.71
N ARG C 26 23.10 -10.22 -29.60
CA ARG C 26 23.47 -9.43 -28.42
C ARG C 26 22.66 -10.00 -27.27
N GLU C 27 21.38 -10.30 -27.54
CA GLU C 27 20.49 -10.77 -26.48
C GLU C 27 20.87 -12.16 -25.99
N ILE C 28 21.30 -13.04 -26.90
CA ILE C 28 21.62 -14.41 -26.49
C ILE C 28 23.06 -14.51 -26.05
N GLY C 29 23.92 -13.64 -26.57
CA GLY C 29 25.34 -13.71 -26.35
C GLY C 29 26.04 -14.76 -27.17
N LEU C 30 25.25 -15.54 -27.89
CA LEU C 30 25.81 -16.60 -28.73
C LEU C 30 25.41 -16.34 -30.18
N PRO C 31 26.02 -17.01 -31.16
CA PRO C 31 25.59 -16.88 -32.52
C PRO C 31 24.31 -17.70 -32.58
N MET C 32 23.33 -17.18 -33.31
CA MET C 32 22.05 -17.88 -33.48
C MET C 32 21.87 -18.16 -34.97
N ARG C 33 21.13 -19.20 -35.29
CA ARG C 33 20.87 -19.51 -36.71
C ARG C 33 19.39 -19.33 -37.01
N PHE C 34 19.08 -18.76 -38.16
CA PHE C 34 17.69 -18.64 -38.58
C PHE C 34 17.63 -18.80 -40.10
N ALA C 35 16.44 -19.17 -40.56
CA ALA C 35 16.17 -19.25 -41.99
C ALA C 35 15.31 -18.08 -42.43
N ALA C 36 15.31 -17.82 -43.73
CA ALA C 36 14.50 -16.73 -44.26
C ALA C 36 14.19 -17.01 -45.72
N TYR C 37 12.90 -17.14 -46.03
CA TYR C 37 12.44 -17.22 -47.41
C TYR C 37 12.02 -15.83 -47.88
N LEU C 38 12.62 -15.37 -48.98
CA LEU C 38 12.20 -14.13 -49.61
C LEU C 38 11.58 -14.50 -50.96
N PRO C 39 10.33 -14.09 -51.19
CA PRO C 39 9.64 -14.49 -52.44
C PRO C 39 10.21 -13.75 -53.64
N PRO C 40 9.71 -14.00 -54.85
CA PRO C 40 10.22 -13.27 -56.02
C PRO C 40 9.72 -11.84 -56.09
N GLN C 41 8.62 -11.52 -55.42
CA GLN C 41 8.18 -10.13 -55.33
C GLN C 41 9.13 -9.29 -54.48
N ALA C 42 10.08 -9.93 -53.80
CA ALA C 42 11.04 -9.25 -52.93
C ALA C 42 12.24 -8.66 -53.68
N GLU C 43 12.32 -8.83 -55.00
CA GLU C 43 13.28 -8.06 -55.77
C GLU C 43 12.71 -6.73 -56.23
N HIS C 44 11.38 -6.62 -56.35
CA HIS C 44 10.71 -5.40 -56.76
C HIS C 44 10.20 -4.56 -55.58
N GLY C 45 10.62 -4.84 -54.36
CA GLY C 45 10.18 -4.05 -53.23
C GLY C 45 10.40 -4.77 -51.91
N LYS C 46 9.80 -4.20 -50.87
CA LYS C 46 9.89 -4.73 -49.51
C LYS C 46 8.55 -5.36 -49.12
N VAL C 47 8.60 -6.60 -48.65
CA VAL C 47 7.47 -7.51 -48.61
C VAL C 47 6.88 -7.59 -47.20
N PRO C 48 5.61 -8.01 -47.03
CA PRO C 48 5.19 -8.51 -45.73
C PRO C 48 5.96 -9.78 -45.37
N ALA C 49 6.01 -10.07 -44.09
CA ALA C 49 6.74 -11.21 -43.60
C ALA C 49 5.81 -12.03 -42.70
N LEU C 50 6.27 -13.23 -42.36
CA LEU C 50 5.48 -14.11 -41.50
C LEU C 50 6.45 -14.94 -40.67
N LEU C 51 6.42 -14.73 -39.35
CA LEU C 51 7.34 -15.42 -38.45
C LEU C 51 6.69 -16.73 -38.01
N TYR C 52 7.39 -17.84 -38.24
CA TYR C 52 6.94 -19.15 -37.82
C TYR C 52 7.79 -19.65 -36.67
N LEU C 53 7.15 -20.03 -35.58
CA LEU C 53 7.83 -20.48 -34.37
C LEU C 53 7.57 -21.96 -34.23
N ALA C 54 8.63 -22.75 -34.31
CA ALA C 54 8.53 -24.20 -34.24
C ALA C 54 8.45 -24.65 -32.78
N GLY C 55 8.06 -25.90 -32.59
CA GLY C 55 7.88 -26.49 -31.28
C GLY C 55 9.07 -27.31 -30.83
N LEU C 56 8.87 -28.04 -29.73
CA LEU C 56 9.96 -28.75 -29.06
C LEU C 56 10.76 -29.59 -30.05
N THR C 57 12.07 -29.64 -29.82
CA THR C 57 13.09 -30.41 -30.55
C THR C 57 13.36 -29.91 -31.99
N CYS C 58 12.73 -28.82 -32.44
CA CYS C 58 12.93 -28.34 -33.81
C CYS C 58 14.04 -27.29 -33.90
N ASN C 59 14.35 -26.85 -35.12
CA ASN C 59 15.31 -25.78 -35.30
C ASN C 59 14.80 -24.86 -36.41
N GLU C 60 15.70 -24.00 -36.92
CA GLU C 60 15.41 -23.03 -37.98
C GLU C 60 15.22 -23.69 -39.34
N GLU C 61 15.56 -24.96 -39.48
CA GLU C 61 15.39 -25.70 -40.72
C GLU C 61 14.00 -26.31 -40.82
N THR C 62 13.36 -26.60 -39.68
CA THR C 62 12.23 -27.52 -39.61
C THR C 62 11.07 -27.05 -40.48
N PHE C 63 10.63 -25.83 -40.23
CA PHE C 63 9.47 -25.28 -40.93
C PHE C 63 9.75 -25.15 -42.43
N MET C 64 10.92 -24.62 -42.79
CA MET C 64 11.28 -24.43 -44.20
C MET C 64 11.23 -25.74 -44.98
N VAL C 65 11.65 -26.85 -44.36
CA VAL C 65 11.74 -28.13 -45.10
C VAL C 65 10.40 -28.85 -45.13
N LYS C 66 9.72 -28.94 -43.99
CA LYS C 66 8.59 -29.84 -43.83
C LYS C 66 7.23 -29.20 -44.08
N ALA C 67 7.11 -27.88 -43.93
CA ALA C 67 5.80 -27.25 -43.93
C ALA C 67 5.21 -27.08 -45.32
N GLY C 68 6.03 -27.11 -46.37
CA GLY C 68 5.53 -26.92 -47.71
C GLY C 68 4.98 -25.52 -47.90
N ALA C 69 5.67 -24.52 -47.36
CA ALA C 69 5.18 -23.16 -47.28
C ALA C 69 5.74 -22.24 -48.35
N GLN C 70 6.95 -22.50 -48.80
CA GLN C 70 7.63 -21.59 -49.75
C GLN C 70 6.82 -21.41 -51.03
N ARG C 71 5.99 -22.39 -51.36
CA ARG C 71 5.21 -22.33 -52.61
C ARG C 71 4.12 -21.26 -52.53
N LEU C 72 3.38 -21.22 -51.43
CA LEU C 72 2.28 -20.23 -51.29
C LEU C 72 2.87 -18.86 -51.03
N ALA C 73 4.05 -18.79 -50.43
CA ALA C 73 4.70 -17.50 -50.20
C ALA C 73 5.13 -16.86 -51.51
N ALA C 74 5.64 -17.67 -52.44
CA ALA C 74 5.99 -17.17 -53.77
C ALA C 74 4.76 -16.63 -54.50
N GLU C 75 3.59 -17.22 -54.25
CA GLU C 75 2.40 -16.77 -54.95
C GLU C 75 1.86 -15.47 -54.36
N LEU C 76 1.83 -15.37 -53.02
CA LEU C 76 1.19 -14.25 -52.34
C LEU C 76 2.15 -13.12 -52.00
N GLY C 77 3.40 -13.19 -52.46
CA GLY C 77 4.39 -12.19 -52.07
C GLY C 77 4.49 -12.02 -50.56
N ILE C 78 5.03 -13.03 -49.88
CA ILE C 78 5.11 -13.11 -48.42
C ILE C 78 6.47 -13.69 -48.06
N ALA C 79 7.34 -12.90 -47.46
CA ALA C 79 8.54 -13.51 -46.89
C ALA C 79 8.15 -14.39 -45.71
N LEU C 80 9.00 -15.38 -45.43
CA LEU C 80 8.81 -16.23 -44.25
C LEU C 80 10.09 -16.25 -43.45
N ILE C 81 9.95 -16.00 -42.14
CA ILE C 81 11.06 -16.04 -41.20
C ILE C 81 10.84 -17.19 -40.23
N ALA C 82 11.84 -18.05 -40.09
CA ALA C 82 11.86 -19.08 -39.07
C ALA C 82 13.10 -18.90 -38.23
N PRO C 83 12.97 -18.63 -36.96
CA PRO C 83 14.15 -18.62 -36.10
C PRO C 83 14.37 -19.99 -35.51
N ASP C 84 15.34 -20.10 -34.65
CA ASP C 84 15.60 -21.34 -33.95
C ASP C 84 14.75 -21.33 -32.67
N THR C 85 14.82 -22.40 -31.88
CA THR C 85 13.90 -22.59 -30.77
C THR C 85 14.59 -22.45 -29.41
N SER C 86 15.86 -22.06 -29.40
CA SER C 86 16.77 -22.21 -28.27
C SER C 86 18.05 -21.47 -28.61
N PRO C 87 18.85 -21.04 -27.64
CA PRO C 87 20.28 -20.88 -27.90
C PRO C 87 20.89 -22.20 -28.32
N ARG C 88 22.01 -22.09 -29.03
CA ARG C 88 22.80 -23.25 -29.50
C ARG C 88 24.29 -22.93 -29.29
N GLY C 89 25.01 -23.80 -28.61
CA GLY C 89 26.46 -23.56 -28.41
C GLY C 89 26.78 -23.10 -27.01
N ALA C 90 25.75 -22.75 -26.24
CA ALA C 90 25.93 -22.34 -24.84
C ALA C 90 25.94 -23.62 -23.99
N HIS C 91 27.11 -24.23 -23.85
CA HIS C 91 27.20 -25.50 -23.10
C HIS C 91 26.80 -25.28 -21.66
N ILE C 92 25.78 -25.99 -21.22
CA ILE C 92 25.33 -25.88 -19.82
C ILE C 92 24.91 -27.29 -19.45
N ASP C 93 25.42 -27.85 -18.35
CA ASP C 93 24.98 -29.26 -18.30
C ASP C 93 23.56 -29.29 -17.75
N GLY C 94 22.92 -30.37 -18.22
CA GLY C 94 21.50 -30.51 -18.22
C GLY C 94 20.77 -29.83 -19.38
N GLU C 95 21.49 -29.06 -20.22
CA GLU C 95 20.83 -28.39 -21.35
C GLU C 95 20.23 -29.37 -22.36
N SER C 96 20.66 -30.63 -22.36
CA SER C 96 20.15 -31.60 -23.32
C SER C 96 19.70 -32.90 -22.66
N THR C 97 19.51 -32.91 -21.34
CA THR C 97 19.10 -34.10 -20.61
C THR C 97 17.82 -34.68 -21.19
N SER C 98 16.72 -33.93 -21.14
CA SER C 98 15.49 -34.34 -21.80
C SER C 98 15.12 -33.34 -22.89
N TRP C 99 14.29 -33.81 -23.81
CA TRP C 99 13.93 -33.03 -24.99
C TRP C 99 12.83 -32.02 -24.72
N ASP C 100 12.20 -32.03 -23.54
CA ASP C 100 11.14 -31.09 -23.24
C ASP C 100 11.65 -29.83 -22.56
N PHE C 101 12.96 -29.73 -22.35
CA PHE C 101 13.55 -28.61 -21.65
C PHE C 101 14.99 -28.47 -22.08
N GLY C 102 15.49 -27.24 -22.09
CA GLY C 102 16.83 -26.98 -22.53
C GLY C 102 16.90 -26.61 -24.00
N VAL C 103 17.90 -27.16 -24.70
CA VAL C 103 18.03 -26.94 -26.14
C VAL C 103 16.80 -27.48 -26.85
N GLY C 104 16.40 -26.78 -27.92
CA GLY C 104 15.17 -27.07 -28.62
C GLY C 104 13.91 -26.77 -27.83
N ALA C 105 13.99 -26.04 -26.73
CA ALA C 105 12.85 -25.93 -25.82
C ALA C 105 12.86 -24.58 -25.11
N GLY C 106 13.08 -23.50 -25.87
CA GLY C 106 13.23 -22.17 -25.31
C GLY C 106 11.94 -21.59 -24.77
N PHE C 107 10.79 -22.09 -25.22
CA PHE C 107 9.45 -21.66 -24.76
C PHE C 107 9.17 -20.17 -25.01
N TYR C 108 9.90 -19.57 -25.94
CA TYR C 108 9.69 -18.17 -26.41
C TYR C 108 9.46 -17.20 -25.26
N LEU C 109 10.44 -17.08 -24.38
CA LEU C 109 10.36 -16.16 -23.22
C LEU C 109 11.78 -15.93 -22.66
N ASP C 110 11.96 -14.89 -21.88
CA ASP C 110 13.29 -14.60 -21.30
C ASP C 110 13.37 -15.28 -19.94
N ALA C 111 14.31 -16.19 -19.76
CA ALA C 111 14.50 -16.88 -18.47
C ALA C 111 15.08 -15.89 -17.46
N THR C 112 14.75 -16.06 -16.18
CA THR C 112 15.26 -15.12 -15.15
C THR C 112 16.23 -15.86 -14.23
N ALA C 113 16.01 -17.16 -14.08
CA ALA C 113 16.81 -18.02 -13.18
C ALA C 113 18.06 -18.49 -13.93
N ALA C 114 19.08 -18.82 -13.14
CA ALA C 114 20.35 -19.37 -13.67
C ALA C 114 20.26 -20.89 -13.53
N PRO C 115 20.89 -21.67 -14.42
CA PRO C 115 21.88 -21.11 -15.34
C PRO C 115 21.34 -20.69 -16.72
N TRP C 116 20.07 -20.39 -16.83
CA TRP C 116 19.51 -20.13 -18.17
C TRP C 116 19.41 -18.65 -18.51
N ALA C 117 19.19 -17.81 -17.50
CA ALA C 117 18.90 -16.37 -17.63
C ALA C 117 19.73 -15.67 -18.71
N PRO C 118 21.07 -15.73 -18.71
CA PRO C 118 21.87 -15.02 -19.70
C PRO C 118 21.64 -15.25 -21.20
N ASN C 119 21.43 -16.49 -21.62
CA ASN C 119 21.27 -16.77 -23.08
C ASN C 119 19.81 -17.05 -23.42
N TRP C 120 19.09 -17.75 -22.56
CA TRP C 120 17.67 -18.08 -22.86
C TRP C 120 16.81 -16.82 -22.79
N ARG C 121 16.93 -15.98 -23.82
CA ARG C 121 16.22 -14.70 -23.99
C ARG C 121 15.57 -14.81 -25.35
N MET C 122 14.84 -15.90 -25.56
CA MET C 122 14.20 -16.14 -26.84
C MET C 122 13.17 -15.06 -27.17
N GLU C 123 12.49 -14.52 -26.14
CA GLU C 123 11.51 -13.46 -26.38
C GLU C 123 12.20 -12.17 -26.77
N SER C 124 13.17 -11.74 -25.97
CA SER C 124 13.94 -10.55 -26.29
C SER C 124 14.66 -10.69 -27.62
N TYR C 125 15.34 -11.83 -27.82
CA TYR C 125 15.97 -12.11 -29.11
C TYR C 125 15.04 -11.83 -30.27
N LEU C 126 13.76 -12.22 -30.14
CA LEU C 126 12.83 -12.09 -31.26
C LEU C 126 12.33 -10.66 -31.41
N VAL C 127 11.99 -9.99 -30.30
CA VAL C 127 11.35 -8.68 -30.39
C VAL C 127 12.39 -7.54 -30.46
N ASP C 128 13.47 -7.60 -29.67
CA ASP C 128 14.40 -6.48 -29.58
C ASP C 128 15.53 -6.55 -30.62
N GLU C 129 15.97 -7.75 -30.99
CA GLU C 129 17.15 -7.91 -31.83
C GLU C 129 16.81 -8.45 -33.22
N LEU C 130 16.21 -9.64 -33.30
CA LEU C 130 16.02 -10.32 -34.58
C LEU C 130 15.26 -9.47 -35.58
N LEU C 131 13.99 -9.20 -35.30
CA LEU C 131 13.10 -8.51 -36.24
C LEU C 131 13.47 -7.04 -36.50
N PRO C 132 14.11 -6.31 -35.59
CA PRO C 132 14.70 -5.02 -36.00
C PRO C 132 15.79 -5.21 -37.05
N LEU C 133 16.70 -6.15 -36.80
CA LEU C 133 17.79 -6.40 -37.74
C LEU C 133 17.26 -6.79 -39.12
N LEU C 134 16.07 -7.40 -39.17
CA LEU C 134 15.52 -7.81 -40.45
C LEU C 134 14.80 -6.68 -41.18
N ALA C 135 14.32 -5.65 -40.46
CA ALA C 135 13.83 -4.46 -41.15
C ALA C 135 14.98 -3.67 -41.75
N LYS C 136 16.14 -3.64 -41.08
CA LYS C 136 17.31 -2.99 -41.63
C LYS C 136 17.91 -3.82 -42.77
N THR C 137 18.23 -5.09 -42.54
CA THR C 137 19.10 -5.83 -43.45
C THR C 137 18.37 -6.60 -44.56
N LEU C 138 17.06 -6.83 -44.44
CA LEU C 138 16.34 -7.59 -45.44
C LEU C 138 15.21 -6.77 -46.06
N PRO C 139 14.71 -7.16 -47.25
CA PRO C 139 13.64 -6.39 -47.90
C PRO C 139 12.24 -6.74 -47.38
N ILE C 140 12.02 -6.51 -46.08
CA ILE C 140 10.72 -6.75 -45.46
C ILE C 140 10.17 -5.45 -44.90
N ASP C 141 8.84 -5.37 -44.89
CA ASP C 141 8.09 -4.23 -44.35
C ASP C 141 7.92 -4.46 -42.85
N GLY C 142 8.78 -3.82 -42.03
CA GLY C 142 8.70 -4.02 -40.59
C GLY C 142 7.32 -3.74 -40.01
N ASP C 143 6.52 -2.90 -40.67
CA ASP C 143 5.17 -2.58 -40.25
C ASP C 143 4.14 -3.61 -40.71
N ARG C 144 4.59 -4.79 -41.15
CA ARG C 144 3.71 -5.79 -41.74
C ARG C 144 4.25 -7.20 -41.46
N ILE C 145 4.12 -7.65 -40.22
CA ILE C 145 4.65 -8.95 -39.78
C ILE C 145 3.57 -9.68 -39.00
N GLY C 146 3.14 -10.85 -39.47
CA GLY C 146 2.30 -11.74 -38.71
C GLY C 146 3.11 -12.82 -38.02
N VAL C 147 2.40 -13.78 -37.41
CA VAL C 147 3.08 -14.78 -36.61
C VAL C 147 2.18 -16.00 -36.45
N PHE C 148 2.81 -17.17 -36.38
CA PHE C 148 2.15 -18.48 -36.14
C PHE C 148 3.20 -19.51 -35.68
N GLY C 149 2.76 -20.70 -35.28
CA GLY C 149 3.71 -21.71 -34.80
C GLY C 149 3.05 -23.03 -34.47
N HIS C 150 3.85 -24.01 -34.07
CA HIS C 150 3.34 -25.36 -33.77
C HIS C 150 3.67 -25.73 -32.33
N SER C 151 2.64 -25.99 -31.53
CA SER C 151 2.71 -26.41 -30.11
C SER C 151 3.44 -25.39 -29.24
N MET C 152 4.65 -25.66 -28.81
CA MET C 152 5.40 -24.66 -28.03
C MET C 152 5.49 -23.38 -28.87
N GLY C 153 5.69 -23.52 -30.18
CA GLY C 153 5.73 -22.33 -31.00
C GLY C 153 4.36 -21.72 -31.19
N GLY C 154 3.32 -22.48 -30.92
CA GLY C 154 1.97 -21.96 -30.93
C GLY C 154 1.77 -21.11 -29.70
N HIS C 155 2.10 -21.68 -28.53
CA HIS C 155 2.29 -20.90 -27.31
C HIS C 155 3.13 -19.67 -27.61
N GLY C 156 4.18 -19.86 -28.41
CA GLY C 156 5.05 -18.75 -28.75
C GLY C 156 4.34 -17.62 -29.48
N ALA C 157 3.60 -17.97 -30.53
CA ALA C 157 2.96 -16.91 -31.34
C ALA C 157 1.83 -16.23 -30.58
N LEU C 158 1.04 -17.00 -29.85
CA LEU C 158 -0.03 -16.43 -29.04
C LEU C 158 0.52 -15.47 -27.99
N THR C 159 1.48 -15.94 -27.18
CA THR C 159 1.97 -15.11 -26.10
C THR C 159 2.73 -13.89 -26.61
N LEU C 160 3.52 -14.03 -27.69
CA LEU C 160 4.28 -12.87 -28.17
C LEU C 160 3.38 -11.83 -28.83
N ALA C 161 2.27 -12.26 -29.43
CA ALA C 161 1.32 -11.29 -29.97
C ALA C 161 0.58 -10.54 -28.85
N LEU C 162 -0.02 -11.31 -27.94
CA LEU C 162 -0.72 -10.74 -26.80
C LEU C 162 0.15 -9.77 -26.01
N ARG C 163 1.46 -10.00 -25.97
CA ARG C 163 2.35 -9.27 -25.09
C ARG C 163 3.11 -8.15 -25.78
N HIS C 164 2.90 -7.95 -27.07
CA HIS C 164 3.52 -6.85 -27.80
C HIS C 164 2.49 -6.30 -28.76
N PRO C 165 1.52 -5.54 -28.25
CA PRO C 165 0.45 -5.04 -29.12
C PRO C 165 1.02 -4.14 -30.21
N GLY C 166 0.43 -4.26 -31.40
CA GLY C 166 0.93 -3.61 -32.59
C GLY C 166 1.98 -4.40 -33.34
N LEU C 167 2.73 -5.27 -32.65
CA LEU C 167 3.82 -6.03 -33.25
C LEU C 167 3.33 -6.83 -34.45
N PHE C 168 2.42 -7.75 -34.20
CA PHE C 168 1.99 -8.73 -35.19
C PHE C 168 0.59 -8.39 -35.64
N LYS C 169 0.41 -8.17 -36.95
CA LYS C 169 -0.91 -7.82 -37.44
C LYS C 169 -1.83 -9.02 -37.62
N SER C 170 -1.29 -10.23 -37.62
CA SER C 170 -2.07 -11.44 -37.86
C SER C 170 -1.57 -12.52 -36.91
N LEU C 171 -2.37 -13.59 -36.73
CA LEU C 171 -2.00 -14.60 -35.74
C LEU C 171 -2.75 -15.91 -35.98
N SER C 172 -1.98 -17.00 -36.00
CA SER C 172 -2.47 -18.38 -36.22
C SER C 172 -1.68 -19.34 -35.35
N ALA C 173 -2.19 -20.56 -35.18
CA ALA C 173 -1.44 -21.58 -34.44
C ALA C 173 -1.91 -23.00 -34.76
N PHE C 174 -0.96 -23.91 -34.92
CA PHE C 174 -1.24 -25.33 -35.02
C PHE C 174 -1.02 -25.98 -33.67
N ALA C 175 -1.98 -26.76 -33.20
CA ALA C 175 -1.89 -27.52 -31.95
C ALA C 175 -1.12 -26.82 -30.82
N PRO C 176 -1.49 -25.60 -30.44
CA PRO C 176 -0.66 -24.84 -29.49
C PRO C 176 -0.81 -25.32 -28.04
N ILE C 177 0.25 -25.08 -27.26
CA ILE C 177 0.15 -25.18 -25.81
C ILE C 177 -0.55 -23.93 -25.28
N CYS C 178 -1.85 -24.01 -25.03
CA CYS C 178 -2.55 -22.74 -24.72
C CYS C 178 -2.62 -22.44 -23.23
N ALA C 179 -2.56 -23.42 -22.33
CA ALA C 179 -2.62 -23.19 -20.90
C ALA C 179 -1.35 -23.74 -20.25
N PRO C 180 -0.20 -23.12 -20.52
CA PRO C 180 1.06 -23.68 -20.01
C PRO C 180 1.13 -23.82 -18.49
N THR C 181 0.47 -22.93 -17.73
CA THR C 181 0.41 -23.13 -16.28
C THR C 181 -0.22 -24.47 -15.90
N GLN C 182 -1.03 -25.07 -16.78
CA GLN C 182 -1.72 -26.30 -16.44
C GLN C 182 -1.35 -27.49 -17.34
N CYS C 183 -0.05 -27.75 -17.46
CA CYS C 183 0.45 -28.87 -18.26
C CYS C 183 1.83 -29.22 -17.75
N PRO C 184 2.21 -30.50 -17.73
CA PRO C 184 3.55 -30.84 -17.22
C PRO C 184 4.67 -30.15 -17.98
N TRP C 185 4.53 -30.01 -19.30
CA TRP C 185 5.52 -29.26 -20.08
C TRP C 185 5.65 -27.84 -19.56
N GLY C 186 4.52 -27.15 -19.44
CA GLY C 186 4.54 -25.79 -18.93
C GLY C 186 5.05 -25.71 -17.51
N HIS C 187 4.60 -26.64 -16.64
CA HIS C 187 5.05 -26.64 -15.25
C HIS C 187 6.58 -26.73 -15.15
N LYS C 188 7.19 -27.67 -15.89
CA LYS C 188 8.63 -27.87 -15.72
C LYS C 188 9.43 -26.80 -16.43
N ALA C 189 8.95 -26.32 -17.58
CA ALA C 189 9.64 -25.24 -18.27
C ALA C 189 9.65 -23.97 -17.43
N PHE C 190 8.47 -23.54 -16.94
CA PHE C 190 8.41 -22.33 -16.11
C PHE C 190 9.24 -22.48 -14.83
N THR C 191 9.16 -23.63 -14.16
CA THR C 191 9.95 -23.88 -12.96
C THR C 191 11.44 -23.61 -13.20
N GLY C 192 11.98 -24.19 -14.27
CA GLY C 192 13.40 -24.09 -14.55
C GLY C 192 13.88 -22.75 -15.08
N TYR C 193 13.04 -22.07 -15.86
CA TYR C 193 13.46 -20.83 -16.50
C TYR C 193 13.12 -19.59 -15.68
N LEU C 194 12.10 -19.63 -14.83
CA LEU C 194 11.71 -18.45 -14.07
C LEU C 194 11.71 -18.66 -12.57
N GLY C 195 11.87 -19.88 -12.09
CA GLY C 195 11.75 -20.17 -10.67
C GLY C 195 10.42 -20.84 -10.38
N ALA C 196 10.29 -21.27 -9.13
CA ALA C 196 9.11 -21.98 -8.66
C ALA C 196 7.97 -21.06 -8.23
N ASP C 197 8.12 -19.74 -8.39
CA ASP C 197 7.10 -18.78 -7.98
C ASP C 197 6.14 -18.54 -9.14
N THR C 198 4.93 -19.07 -9.02
CA THR C 198 3.96 -19.07 -10.11
C THR C 198 3.43 -17.68 -10.46
N THR C 199 3.77 -16.66 -9.65
CA THR C 199 3.24 -15.34 -9.97
C THR C 199 3.87 -14.77 -11.23
N ARG C 200 5.09 -15.16 -11.62
CA ARG C 200 5.71 -14.69 -12.85
C ARG C 200 5.49 -15.65 -14.01
N TRP C 201 4.72 -16.71 -13.81
CA TRP C 201 4.36 -17.66 -14.86
C TRP C 201 3.20 -17.20 -15.74
N ILE C 202 2.18 -16.53 -15.18
CA ILE C 202 0.96 -16.36 -15.97
C ILE C 202 1.01 -15.17 -16.91
N GLU C 203 2.03 -14.33 -16.82
CA GLU C 203 2.30 -13.39 -17.89
C GLU C 203 2.79 -14.11 -19.14
N HIS C 204 3.07 -15.42 -19.06
CA HIS C 204 3.50 -16.20 -20.21
C HIS C 204 2.49 -17.27 -20.56
N ASP C 205 1.24 -17.15 -20.09
CA ASP C 205 0.18 -18.13 -20.34
C ASP C 205 -0.81 -17.53 -21.31
N ALA C 206 -0.99 -18.19 -22.46
CA ALA C 206 -1.85 -17.63 -23.50
C ALA C 206 -3.30 -17.50 -23.04
N THR C 207 -3.79 -18.50 -22.30
CA THR C 207 -5.18 -18.35 -21.87
C THR C 207 -5.31 -17.26 -20.80
N VAL C 208 -4.44 -17.21 -19.78
CA VAL C 208 -4.51 -16.17 -18.75
C VAL C 208 -4.39 -14.77 -19.35
N LEU C 209 -3.54 -14.61 -20.38
CA LEU C 209 -3.41 -13.31 -21.03
C LEU C 209 -4.67 -12.95 -21.78
N MET C 210 -5.19 -13.89 -22.57
CA MET C 210 -6.40 -13.66 -23.34
C MET C 210 -7.56 -13.23 -22.45
N GLN C 211 -7.71 -13.90 -21.30
CA GLN C 211 -8.75 -13.57 -20.32
C GLN C 211 -8.75 -12.12 -19.87
N HIS C 212 -7.63 -11.40 -19.98
CA HIS C 212 -7.54 -10.10 -19.35
C HIS C 212 -7.28 -8.97 -20.35
N GLN C 213 -7.34 -9.25 -21.65
CA GLN C 213 -7.38 -8.18 -22.63
C GLN C 213 -8.57 -7.27 -22.33
N PRO C 214 -8.42 -5.96 -22.46
CA PRO C 214 -9.62 -5.10 -22.38
C PRO C 214 -10.56 -5.36 -23.56
N VAL C 215 -9.99 -5.45 -24.76
CA VAL C 215 -10.71 -5.55 -26.02
C VAL C 215 -10.19 -6.81 -26.71
N ALA C 216 -10.86 -7.19 -27.80
CA ALA C 216 -10.33 -8.28 -28.63
C ALA C 216 -9.04 -7.80 -29.28
N PRO C 217 -7.90 -8.47 -29.04
CA PRO C 217 -6.64 -7.98 -29.63
C PRO C 217 -6.53 -8.18 -31.13
N TYR C 218 -7.26 -9.12 -31.73
CA TYR C 218 -7.20 -9.38 -33.17
C TYR C 218 -8.61 -9.44 -33.72
N PRO C 219 -9.18 -8.28 -34.08
CA PRO C 219 -10.52 -8.26 -34.68
C PRO C 219 -10.64 -9.19 -35.89
N ALA C 220 -9.76 -9.05 -36.87
CA ALA C 220 -9.71 -9.92 -38.05
C ALA C 220 -9.85 -11.40 -37.70
N GLY C 221 -9.23 -11.86 -36.61
CA GLY C 221 -9.55 -13.16 -36.06
C GLY C 221 -8.35 -14.08 -35.96
N ILE C 222 -8.58 -15.21 -35.28
CA ILE C 222 -7.53 -16.12 -34.84
C ILE C 222 -7.81 -17.51 -35.38
N LEU C 223 -6.95 -17.99 -36.27
CA LEU C 223 -7.07 -19.31 -36.86
C LEU C 223 -6.19 -20.29 -36.08
N ILE C 224 -6.81 -21.38 -35.59
CA ILE C 224 -6.10 -22.47 -34.94
C ILE C 224 -6.67 -23.79 -35.42
N ASP C 225 -5.82 -24.66 -35.94
CA ASP C 225 -6.18 -26.03 -36.27
C ASP C 225 -5.62 -26.97 -35.21
N GLN C 226 -6.30 -28.09 -35.03
CA GLN C 226 -5.86 -29.05 -34.02
C GLN C 226 -6.40 -30.43 -34.36
N GLY C 227 -5.53 -31.44 -34.33
CA GLY C 227 -5.92 -32.79 -34.66
C GLY C 227 -6.40 -33.56 -33.45
N LEU C 228 -7.36 -34.46 -33.69
CA LEU C 228 -7.86 -35.30 -32.60
C LEU C 228 -7.01 -36.55 -32.37
N ALA C 229 -6.28 -37.02 -33.40
CA ALA C 229 -5.34 -38.12 -33.17
C ALA C 229 -4.14 -37.69 -32.35
N ASP C 230 -3.89 -36.38 -32.28
CA ASP C 230 -2.75 -35.80 -31.53
C ASP C 230 -2.66 -36.40 -30.13
N LYS C 231 -1.51 -36.99 -29.83
CA LYS C 231 -1.22 -37.71 -28.57
C LYS C 231 -1.24 -36.79 -27.35
N PHE C 232 -0.52 -35.67 -27.38
CA PHE C 232 -0.44 -34.83 -26.16
C PHE C 232 -1.53 -33.76 -26.12
N LEU C 233 -2.68 -33.97 -26.75
CA LEU C 233 -3.71 -32.94 -26.67
C LEU C 233 -4.57 -33.10 -25.43
N ALA C 234 -4.16 -33.93 -24.50
CA ALA C 234 -4.87 -33.98 -23.22
C ALA C 234 -3.97 -33.90 -22.02
N GLU C 235 -2.68 -34.13 -22.15
CA GLU C 235 -1.86 -33.84 -21.00
C GLU C 235 -1.10 -32.52 -21.12
N GLN C 236 -1.12 -31.82 -22.27
CA GLN C 236 -0.39 -30.55 -22.33
C GLN C 236 -0.98 -29.48 -23.22
N LEU C 237 -2.12 -29.71 -23.86
CA LEU C 237 -2.55 -28.79 -24.88
C LEU C 237 -3.73 -27.92 -24.46
N HIS C 238 -4.80 -28.53 -23.96
CA HIS C 238 -6.06 -27.95 -23.50
C HIS C 238 -6.51 -26.69 -24.24
N PRO C 239 -6.93 -26.79 -25.50
CA PRO C 239 -7.35 -25.59 -26.22
C PRO C 239 -8.75 -25.15 -25.87
N HIS C 240 -9.49 -25.89 -25.05
CA HIS C 240 -10.80 -25.44 -24.59
C HIS C 240 -10.68 -24.27 -23.62
N LEU C 241 -9.56 -24.19 -22.89
CA LEU C 241 -9.45 -23.04 -22.02
C LEU C 241 -9.03 -21.80 -22.78
N LEU C 242 -8.46 -21.92 -23.98
CA LEU C 242 -8.36 -20.77 -24.87
C LEU C 242 -9.68 -20.50 -25.58
N GLU C 243 -10.51 -21.52 -25.76
CA GLU C 243 -11.86 -21.31 -26.28
C GLU C 243 -12.67 -20.43 -25.33
N ASP C 244 -12.75 -20.85 -24.06
CA ASP C 244 -13.45 -20.04 -23.05
C ASP C 244 -12.86 -18.63 -22.95
N ALA C 245 -11.54 -18.52 -22.96
CA ALA C 245 -10.89 -17.23 -22.74
C ALA C 245 -11.30 -16.21 -23.79
N CYS C 246 -11.19 -16.57 -25.07
CA CYS C 246 -11.66 -15.63 -26.08
C CYS C 246 -13.18 -15.63 -26.20
N ARG C 247 -13.85 -16.65 -25.66
CA ARG C 247 -15.30 -16.62 -25.57
C ARG C 247 -15.77 -15.50 -24.66
N ALA C 248 -14.95 -15.15 -23.66
CA ALA C 248 -15.34 -14.22 -22.61
C ALA C 248 -15.07 -12.76 -22.97
N ILE C 249 -14.09 -12.48 -23.82
CA ILE C 249 -13.83 -11.10 -24.22
C ILE C 249 -14.27 -10.84 -25.65
N GLY C 250 -15.05 -11.74 -26.21
CA GLY C 250 -15.49 -11.52 -27.60
C GLY C 250 -14.34 -11.45 -28.58
N GLN C 251 -13.37 -12.34 -28.48
CA GLN C 251 -12.27 -12.38 -29.48
C GLN C 251 -12.70 -13.37 -30.56
N PRO C 252 -12.84 -12.98 -31.84
CA PRO C 252 -13.26 -13.90 -32.88
C PRO C 252 -12.24 -15.04 -32.99
N LEU C 253 -12.60 -16.23 -32.51
CA LEU C 253 -11.61 -17.31 -32.71
C LEU C 253 -12.21 -18.45 -33.52
N THR C 254 -11.33 -18.97 -34.37
CA THR C 254 -11.61 -20.02 -35.38
C THR C 254 -10.81 -21.25 -34.96
N LEU C 255 -11.45 -22.22 -34.33
CA LEU C 255 -10.78 -23.41 -33.80
C LEU C 255 -11.38 -24.68 -34.39
N ARG C 256 -10.75 -25.16 -35.45
CA ARG C 256 -11.21 -26.33 -36.20
C ARG C 256 -10.53 -27.58 -35.69
N ARG C 257 -11.29 -28.46 -35.05
CA ARG C 257 -10.77 -29.75 -34.67
C ARG C 257 -10.90 -30.72 -35.85
N HIS C 258 -9.94 -31.65 -35.95
CA HIS C 258 -9.93 -32.60 -37.07
C HIS C 258 -9.61 -33.98 -36.53
N GLU C 259 -10.53 -34.93 -36.67
CA GLU C 259 -10.06 -36.24 -36.25
C GLU C 259 -9.40 -36.94 -37.43
N GLY C 260 -8.47 -37.79 -37.01
CA GLY C 260 -7.52 -38.35 -37.94
C GLY C 260 -6.12 -37.75 -37.83
N TYR C 261 -6.02 -36.43 -37.90
CA TYR C 261 -4.70 -35.80 -37.90
C TYR C 261 -4.05 -35.84 -36.53
N ASP C 262 -2.77 -36.18 -36.51
CA ASP C 262 -2.00 -36.27 -35.29
C ASP C 262 -1.21 -34.98 -35.08
N HIS C 263 -0.19 -35.01 -34.21
CA HIS C 263 0.53 -33.80 -33.81
C HIS C 263 1.46 -33.29 -34.91
N GLY C 264 2.08 -34.20 -35.69
CA GLY C 264 3.24 -33.92 -36.50
C GLY C 264 2.99 -33.07 -37.73
N TYR C 265 4.00 -33.05 -38.61
CA TYR C 265 4.00 -32.12 -39.74
C TYR C 265 3.19 -32.59 -40.95
N TYR C 266 2.84 -33.87 -41.02
CA TYR C 266 1.88 -34.26 -42.04
C TYR C 266 0.53 -33.57 -41.78
N PHE C 267 0.16 -33.43 -40.51
CA PHE C 267 -1.01 -32.61 -40.18
C PHE C 267 -0.77 -31.15 -40.55
N VAL C 268 0.40 -30.61 -40.22
CA VAL C 268 0.60 -29.18 -40.35
C VAL C 268 0.57 -28.75 -41.81
N GLN C 269 1.34 -29.44 -42.67
CA GLN C 269 1.42 -29.03 -44.07
C GLN C 269 0.07 -29.16 -44.76
N SER C 270 -0.78 -30.07 -44.30
CA SER C 270 -2.08 -30.20 -44.95
C SER C 270 -2.91 -28.92 -44.79
N PHE C 271 -2.90 -28.27 -43.62
CA PHE C 271 -3.63 -27.02 -43.42
C PHE C 271 -2.72 -25.79 -43.53
N MET C 272 -1.63 -25.88 -44.28
CA MET C 272 -0.71 -24.76 -44.34
C MET C 272 -1.24 -23.65 -45.23
N ALA C 273 -1.86 -23.99 -46.37
CA ALA C 273 -2.30 -22.96 -47.30
C ALA C 273 -3.38 -22.07 -46.69
N ASP C 274 -4.37 -22.69 -46.02
CA ASP C 274 -5.32 -21.95 -45.19
C ASP C 274 -4.61 -20.83 -44.43
N HIS C 275 -3.68 -21.22 -43.56
CA HIS C 275 -2.99 -20.26 -42.72
C HIS C 275 -2.30 -19.17 -43.55
N LEU C 276 -1.77 -19.54 -44.72
CA LEU C 276 -1.12 -18.52 -45.54
C LEU C 276 -2.13 -17.60 -46.19
N ALA C 277 -3.39 -18.03 -46.32
CA ALA C 277 -4.43 -17.15 -46.86
C ALA C 277 -4.92 -16.18 -45.78
N HIS C 278 -5.14 -16.70 -44.58
CA HIS C 278 -5.51 -15.89 -43.42
C HIS C 278 -4.52 -14.75 -43.21
N HIS C 279 -3.22 -15.05 -43.19
CA HIS C 279 -2.23 -14.02 -42.93
C HIS C 279 -2.08 -13.08 -44.11
N ALA C 280 -2.23 -13.60 -45.33
CA ALA C 280 -1.91 -12.80 -46.52
C ALA C 280 -2.97 -11.75 -46.79
N GLN C 281 -4.26 -12.10 -46.68
CA GLN C 281 -5.29 -11.13 -46.98
C GLN C 281 -5.32 -9.99 -45.98
N ILE C 282 -4.75 -10.18 -44.80
CA ILE C 282 -4.60 -9.10 -43.83
C ILE C 282 -3.31 -8.32 -44.06
N LEU C 283 -2.20 -9.05 -44.17
CA LEU C 283 -0.90 -8.43 -44.38
C LEU C 283 -0.86 -7.68 -45.71
#